data_2X51
#
_entry.id   2X51
#
_cell.length_a   163.888
_cell.length_b   61.017
_cell.length_c   133.274
_cell.angle_alpha   90.00
_cell.angle_beta   116.19
_cell.angle_gamma   90.00
#
_symmetry.space_group_name_H-M   'C 1 2 1'
#
loop_
_entity.id
_entity.type
_entity.pdbx_description
1 polymer MYOSIN-VI
2 polymer CALMODULIN
3 non-polymer GLYCEROL
4 non-polymer 'SULFATE ION'
5 non-polymer 'CALCIUM ION'
6 water water
#
loop_
_entity_poly.entity_id
_entity_poly.type
_entity_poly.pdbx_seq_one_letter_code
_entity_poly.pdbx_strand_id
1 'polypeptide(L)'
;MEDGKPVWAPHPTDGFQVGNIVDIGPDSLTIEPLNQKGKTFLALINQVFPAEEDSKKDVEDNCSLMYLNEATLLHNIKVR
YSKDRIYTYVANILIAVNPYFDIPKIYSSETIKSYQGKSLGTMPPHVFAIADKAFRDMKVLKLSQSIIVSGESGAGKTEN
TKFVLRYLTESYGTGQDIDDRIVEANPLLEAFGNAKTVRNNNSSRFGKFVEIHFNEKSSVVGGFVSHYLLEKSRICVQGK
EERNYHIFYRLCAGASEDIRERLHLSSPDNFRYLNRGGSLKDPLLDDHGDFIRMCTAMKKIGLDDEEKLDLFRVVAGVLH
LGNIDFEEAGSTSGGCNLKNKSTQALEYCAELLGLDQDDLRVSLTTRVMLTTAGGAKGTVIKVPLKVEQANNARDALAKT
VYSHLFDHVVNRVNQCFPFETSSYFIGVLDIAGFEYFEHNSFEQFCINYCNEKLQQFFNERILKEEQELYQKEGLGVNEV
HYVDNQDCIDLIEARLVGILDILDEENRLPQPSDQHFTSAVHQKHKDHFRLSIPRKSKLAIHRNIRDDEGFIIRHFAGAV
CYETTQFVEKNNDALHMSLESLICESRDKFIRELFESSTNNNKDTKQKAGKLSFISVGNKFKTQLNLLLDKLRSTGASFI
RCIKPNLKMTSHHFEGAQILSQLQCSGMVSVLDLMQGGFPSRASFHELYNMYKKYMPDKLARLDPRLFCKALFKALGLNE
IDYKFGLTKVFFRPGKFAEFDQIMKSDPDHLAELVKRVNHWLICSRWKKVQWCSLSVIKLKNKIKYRAE
;
A
2 'polypeptide(L)'
;MADQLTEEQIAEFKEAFSLFDKDGDGTITTKELGTVMRSLGQNPTEAELQDMINEVDADGNGTIDFPEFLTMMARKMKDT
DSEEEIREAFRVFDKDGNGFISAAELRHVMTNLGEKLTDEEVDEMIREADIDGDGQVNYEEFVTMMTSK
;
B
#
loop_
_chem_comp.id
_chem_comp.type
_chem_comp.name
_chem_comp.formula
CA non-polymer 'CALCIUM ION' 'Ca 2'
GOL non-polymer GLYCEROL 'C3 H8 O3'
SO4 non-polymer 'SULFATE ION' 'O4 S -2'
#
# COMPACT_ATOMS: atom_id res chain seq x y z
N GLY A 4 5.66 1.06 -36.60
CA GLY A 4 5.05 -0.23 -36.90
C GLY A 4 4.72 -1.01 -35.64
N LYS A 5 5.27 -0.55 -34.52
CA LYS A 5 4.98 -1.14 -33.23
C LYS A 5 3.61 -0.67 -32.72
N PRO A 6 2.77 -1.62 -32.29
CA PRO A 6 1.48 -1.32 -31.68
C PRO A 6 1.64 -0.48 -30.42
N VAL A 7 0.98 0.67 -30.40
CA VAL A 7 0.98 1.54 -29.22
C VAL A 7 -0.43 1.53 -28.61
N TRP A 8 -0.53 2.06 -27.39
CA TRP A 8 -1.84 2.24 -26.77
C TRP A 8 -2.22 3.71 -26.88
N ALA A 9 -3.47 3.96 -27.24
CA ALA A 9 -3.95 5.33 -27.37
C ALA A 9 -5.29 5.46 -26.64
N PRO A 10 -5.66 6.70 -26.29
CA PRO A 10 -6.90 6.91 -25.52
C PRO A 10 -8.12 6.31 -26.21
N HIS A 11 -9.01 5.75 -25.41
CA HIS A 11 -10.29 5.25 -25.89
C HIS A 11 -11.35 5.55 -24.83
N PRO A 12 -12.27 6.46 -25.16
CA PRO A 12 -13.29 6.99 -24.24
C PRO A 12 -13.95 5.96 -23.32
N THR A 13 -14.10 4.70 -23.74
CA THR A 13 -14.79 3.72 -22.90
C THR A 13 -13.91 2.55 -22.40
N ASP A 14 -12.74 2.39 -23.01
CA ASP A 14 -11.80 1.35 -22.58
C ASP A 14 -10.47 1.95 -22.13
N GLY A 15 -10.44 3.27 -22.01
CA GLY A 15 -9.23 3.99 -21.64
C GLY A 15 -8.23 3.95 -22.77
N PHE A 16 -7.87 2.74 -23.19
CA PHE A 16 -6.91 2.57 -24.28
C PHE A 16 -7.34 1.52 -25.32
N GLN A 17 -6.79 1.68 -26.52
CA GLN A 17 -7.05 0.80 -27.65
C GLN A 17 -5.76 0.70 -28.47
N VAL A 18 -5.53 -0.44 -29.12
CA VAL A 18 -4.31 -0.65 -29.92
C VAL A 18 -4.37 0.06 -31.29
N GLY A 19 -3.23 0.61 -31.72
CA GLY A 19 -3.17 1.34 -32.98
C GLY A 19 -1.77 1.75 -33.40
N ASN A 20 -1.69 2.65 -34.38
CA ASN A 20 -0.39 3.06 -34.94
C ASN A 20 -0.35 4.54 -35.37
N ASP A 27 3.34 17.74 -31.61
CA ASP A 27 2.48 17.99 -30.46
C ASP A 27 1.55 16.81 -30.17
N SER A 28 0.94 16.27 -31.22
CA SER A 28 0.06 15.13 -31.09
C SER A 28 0.38 14.05 -32.12
N LEU A 29 -0.50 13.05 -32.22
CA LEU A 29 -0.32 11.96 -33.15
C LEU A 29 -1.65 11.45 -33.67
N THR A 30 -1.63 10.84 -34.85
CA THR A 30 -2.84 10.24 -35.40
C THR A 30 -2.74 8.73 -35.29
N ILE A 31 -3.81 8.10 -34.82
CA ILE A 31 -3.78 6.67 -34.52
C ILE A 31 -4.80 5.87 -35.33
N GLU A 32 -4.34 4.82 -36.01
CA GLU A 32 -5.23 3.89 -36.68
C GLU A 32 -5.41 2.65 -35.81
N PRO A 33 -6.65 2.37 -35.40
CA PRO A 33 -6.96 1.15 -34.66
C PRO A 33 -6.78 -0.12 -35.52
N LEU A 34 -7.31 -1.24 -35.05
CA LEU A 34 -7.24 -2.49 -35.80
C LEU A 34 -8.61 -2.93 -36.30
N PHE A 41 -7.23 9.08 -35.74
CA PHE A 41 -7.91 9.64 -34.57
C PHE A 41 -6.91 10.43 -33.71
N LEU A 42 -6.95 11.75 -33.83
CA LEU A 42 -6.03 12.63 -33.12
C LEU A 42 -5.87 12.26 -31.65
N ALA A 43 -4.61 12.15 -31.21
CA ALA A 43 -4.30 11.86 -29.81
C ALA A 43 -3.08 12.64 -29.36
N LEU A 44 -3.12 13.15 -28.13
CA LEU A 44 -2.01 13.93 -27.58
C LEU A 44 -0.81 13.04 -27.25
N ILE A 45 0.37 13.46 -27.68
CA ILE A 45 1.59 12.68 -27.55
C ILE A 45 1.75 11.98 -26.19
N ASN A 46 1.67 12.73 -25.11
CA ASN A 46 1.94 12.17 -23.78
C ASN A 46 0.83 11.25 -23.27
N GLN A 47 -0.14 10.96 -24.11
CA GLN A 47 -1.19 10.00 -23.76
C GLN A 47 -1.10 8.74 -24.63
N VAL A 48 0.03 8.56 -25.30
CA VAL A 48 0.30 7.37 -26.10
C VAL A 48 1.47 6.57 -25.53
N PHE A 49 1.22 5.29 -25.26
CA PHE A 49 2.17 4.44 -24.55
C PHE A 49 2.57 3.20 -25.35
N PRO A 50 3.84 2.78 -25.25
CA PRO A 50 4.27 1.51 -25.84
C PRO A 50 3.45 0.37 -25.29
N ALA A 51 3.09 -0.58 -26.15
CA ALA A 51 2.34 -1.75 -25.71
C ALA A 51 3.25 -2.98 -25.65
N GLU A 52 2.80 -3.99 -24.92
CA GLU A 52 3.43 -5.29 -24.94
C GLU A 52 3.21 -5.99 -26.28
N GLU A 53 4.27 -6.57 -26.83
CA GLU A 53 4.21 -7.28 -28.12
C GLU A 53 3.17 -8.40 -28.11
N ASP A 54 3.26 -9.25 -27.11
CA ASP A 54 2.33 -10.36 -26.94
C ASP A 54 1.10 -9.89 -26.16
N SER A 55 0.01 -9.65 -26.87
CA SER A 55 -1.22 -9.15 -26.26
C SER A 55 -1.97 -10.25 -25.52
N LYS A 56 -1.53 -11.49 -25.73
CA LYS A 56 -2.22 -12.63 -25.15
C LYS A 56 -1.62 -12.94 -23.80
N LYS A 57 -0.42 -12.42 -23.58
CA LYS A 57 0.37 -12.75 -22.40
C LYS A 57 -0.17 -12.16 -21.09
N ASP A 58 0.42 -12.62 -20.01
CA ASP A 58 -0.10 -12.34 -18.68
C ASP A 58 1.03 -12.54 -17.66
N VAL A 59 1.30 -11.54 -16.84
CA VAL A 59 2.32 -11.68 -15.80
C VAL A 59 1.74 -11.36 -14.43
N GLU A 60 2.29 -11.99 -13.40
CA GLU A 60 1.78 -11.82 -12.05
C GLU A 60 2.31 -10.53 -11.42
N ASP A 61 3.49 -10.11 -11.85
CA ASP A 61 4.09 -8.85 -11.43
C ASP A 61 4.28 -8.01 -12.68
N ASN A 62 3.58 -6.88 -12.73
CA ASN A 62 3.69 -5.96 -13.85
C ASN A 62 5.10 -5.43 -14.02
N CYS A 63 5.94 -5.58 -13.02
CA CYS A 63 7.35 -5.27 -13.23
C CYS A 63 8.03 -6.34 -14.10
N SER A 64 7.30 -7.39 -14.50
CA SER A 64 7.87 -8.37 -15.46
C SER A 64 7.67 -7.93 -16.90
N LEU A 65 6.93 -6.83 -17.11
CA LEU A 65 6.68 -6.34 -18.46
C LEU A 65 7.87 -5.55 -18.98
N MET A 66 7.91 -5.32 -20.28
CA MET A 66 8.96 -4.50 -20.87
C MET A 66 8.66 -3.01 -20.73
N TYR A 67 7.39 -2.66 -20.81
CA TYR A 67 6.96 -1.30 -20.52
C TYR A 67 5.97 -1.32 -19.37
N LEU A 68 6.29 -0.54 -18.34
CA LEU A 68 5.44 -0.41 -17.18
C LEU A 68 4.80 0.97 -17.23
N ASN A 69 3.57 1.03 -17.72
CA ASN A 69 2.86 2.30 -17.79
C ASN A 69 1.37 2.05 -17.57
N GLU A 70 0.57 3.12 -17.52
CA GLU A 70 -0.83 2.99 -17.18
C GLU A 70 -1.57 2.10 -18.19
N ALA A 71 -1.21 2.24 -19.46
CA ALA A 71 -1.82 1.44 -20.52
C ALA A 71 -1.50 -0.06 -20.38
N THR A 72 -0.21 -0.39 -20.35
CA THR A 72 0.19 -1.80 -20.24
C THR A 72 -0.28 -2.42 -18.94
N LEU A 73 -0.33 -1.59 -17.89
CA LEU A 73 -0.85 -2.05 -16.60
C LEU A 73 -2.32 -2.40 -16.72
N LEU A 74 -3.08 -1.50 -17.33
CA LEU A 74 -4.52 -1.70 -17.50
C LEU A 74 -4.77 -2.94 -18.35
N HIS A 75 -4.04 -3.05 -19.45
CA HIS A 75 -4.18 -4.22 -20.31
C HIS A 75 -3.87 -5.51 -19.58
N ASN A 76 -2.82 -5.52 -18.76
CA ASN A 76 -2.44 -6.75 -18.06
C ASN A 76 -3.48 -7.22 -17.06
N ILE A 77 -3.94 -6.33 -16.19
CA ILE A 77 -4.87 -6.77 -15.16
C ILE A 77 -6.21 -7.15 -15.78
N LYS A 78 -6.51 -6.61 -16.96
CA LYS A 78 -7.69 -7.02 -17.73
C LYS A 78 -7.59 -8.50 -18.10
N VAL A 79 -6.60 -8.81 -18.95
CA VAL A 79 -6.32 -10.20 -19.31
C VAL A 79 -6.46 -11.11 -18.10
N ARG A 80 -5.78 -10.78 -17.01
CA ARG A 80 -5.90 -11.57 -15.79
C ARG A 80 -7.33 -11.64 -15.25
N TYR A 81 -8.08 -10.54 -15.39
CA TYR A 81 -9.45 -10.51 -14.89
C TYR A 81 -10.31 -11.59 -15.54
N SER A 82 -10.23 -11.72 -16.86
CA SER A 82 -10.93 -12.75 -17.62
C SER A 82 -10.67 -14.17 -17.10
N LYS A 83 -9.43 -14.46 -16.74
CA LYS A 83 -9.09 -15.77 -16.18
C LYS A 83 -9.45 -15.84 -14.70
N ASP A 84 -10.25 -14.88 -14.23
CA ASP A 84 -10.61 -14.79 -12.81
C ASP A 84 -9.36 -14.67 -11.93
N ARG A 85 -8.34 -14.04 -12.49
CA ARG A 85 -7.14 -13.72 -11.73
C ARG A 85 -7.27 -12.27 -11.29
N ILE A 86 -7.77 -12.07 -10.08
CA ILE A 86 -8.14 -10.75 -9.60
C ILE A 86 -6.98 -10.01 -8.91
N TYR A 87 -5.98 -10.77 -8.48
CA TYR A 87 -4.81 -10.21 -7.80
C TYR A 87 -3.56 -10.16 -8.68
N THR A 88 -3.08 -8.96 -8.96
CA THR A 88 -1.83 -8.75 -9.68
C THR A 88 -0.90 -7.84 -8.87
N TYR A 89 0.41 -8.06 -8.94
CA TYR A 89 1.36 -7.19 -8.25
C TYR A 89 1.86 -6.04 -9.11
N VAL A 90 2.37 -5.01 -8.45
CA VAL A 90 3.34 -4.08 -9.03
C VAL A 90 4.39 -4.01 -7.94
N ALA A 91 5.52 -4.68 -8.14
CA ALA A 91 6.46 -4.90 -7.06
C ALA A 91 5.68 -5.51 -5.91
N ASN A 92 5.78 -4.91 -4.73
CA ASN A 92 5.07 -5.42 -3.55
C ASN A 92 3.66 -4.85 -3.39
N ILE A 93 3.26 -3.96 -4.30
CA ILE A 93 1.92 -3.41 -4.27
C ILE A 93 0.93 -4.40 -4.87
N LEU A 94 -0.19 -4.62 -4.19
CA LEU A 94 -1.24 -5.50 -4.71
C LEU A 94 -2.38 -4.75 -5.40
N ILE A 95 -2.71 -5.14 -6.62
CA ILE A 95 -3.91 -4.65 -7.27
C ILE A 95 -4.99 -5.72 -7.11
N ALA A 96 -6.15 -5.33 -6.62
CA ALA A 96 -7.26 -6.25 -6.34
C ALA A 96 -8.58 -5.79 -6.96
N VAL A 97 -8.95 -6.45 -8.05
CA VAL A 97 -10.19 -6.15 -8.77
C VAL A 97 -11.35 -7.01 -8.28
N ASN A 98 -12.46 -6.38 -7.94
CA ASN A 98 -13.63 -7.06 -7.42
C ASN A 98 -14.24 -7.98 -8.48
N PRO A 99 -14.30 -9.29 -8.18
CA PRO A 99 -14.84 -10.30 -9.10
C PRO A 99 -16.35 -10.19 -9.27
N TYR A 100 -17.04 -9.77 -8.20
CA TYR A 100 -18.50 -9.70 -8.17
C TYR A 100 -19.16 -11.08 -8.19
N PHE A 101 -18.41 -12.06 -7.70
CA PHE A 101 -18.94 -13.39 -7.40
C PHE A 101 -17.89 -14.12 -6.58
N ASP A 102 -18.29 -15.21 -5.92
CA ASP A 102 -17.37 -15.92 -5.04
C ASP A 102 -16.48 -16.90 -5.79
N ILE A 103 -15.28 -16.46 -6.16
CA ILE A 103 -14.30 -17.35 -6.77
C ILE A 103 -13.96 -18.49 -5.81
N PRO A 104 -14.24 -19.72 -6.23
CA PRO A 104 -14.18 -20.93 -5.40
C PRO A 104 -12.81 -21.24 -4.79
N LYS A 105 -12.79 -21.40 -3.48
CA LYS A 105 -11.64 -21.98 -2.76
C LYS A 105 -10.39 -21.11 -2.65
N ILE A 106 -10.42 -19.90 -3.20
CA ILE A 106 -9.24 -19.02 -3.11
C ILE A 106 -9.04 -18.46 -1.71
N TYR A 107 -10.12 -18.34 -0.95
CA TYR A 107 -10.01 -17.96 0.45
C TYR A 107 -10.22 -19.18 1.34
N SER A 108 -10.01 -20.35 0.73
CA SER A 108 -10.05 -21.62 1.44
C SER A 108 -9.03 -21.66 2.56
N SER A 109 -9.34 -22.40 3.61
CA SER A 109 -8.43 -22.56 4.75
C SER A 109 -7.14 -23.23 4.30
N GLU A 110 -7.24 -24.11 3.30
CA GLU A 110 -6.06 -24.78 2.74
C GLU A 110 -5.11 -23.74 2.16
N THR A 111 -5.66 -22.88 1.30
CA THR A 111 -4.93 -21.79 0.71
C THR A 111 -4.24 -20.93 1.78
N ILE A 112 -4.90 -20.74 2.90
CA ILE A 112 -4.32 -19.99 4.00
C ILE A 112 -3.03 -20.62 4.50
N LYS A 113 -2.96 -21.94 4.46
CA LYS A 113 -1.74 -22.63 4.88
C LYS A 113 -0.68 -22.56 3.79
N SER A 114 -1.11 -22.60 2.52
CA SER A 114 -0.15 -22.54 1.41
C SER A 114 0.56 -21.19 1.30
N TYR A 115 -0.02 -20.14 1.90
CA TYR A 115 0.63 -18.82 1.89
C TYR A 115 1.53 -18.58 3.09
N GLN A 116 1.45 -19.46 4.07
CA GLN A 116 2.16 -19.21 5.32
C GLN A 116 3.68 -19.18 5.13
N GLY A 117 4.31 -18.12 5.61
CA GLY A 117 5.76 -17.98 5.58
C GLY A 117 6.38 -17.97 4.19
N LYS A 118 5.55 -17.87 3.15
CA LYS A 118 6.03 -17.82 1.78
C LYS A 118 6.41 -16.41 1.35
N SER A 119 7.67 -16.23 0.97
CA SER A 119 8.10 -14.94 0.45
C SER A 119 7.22 -14.45 -0.70
N LEU A 120 7.13 -13.13 -0.84
CA LEU A 120 6.28 -12.55 -1.86
C LEU A 120 6.74 -12.98 -3.25
N GLY A 121 5.80 -13.48 -4.05
CA GLY A 121 6.15 -13.90 -5.39
C GLY A 121 6.78 -15.29 -5.50
N THR A 122 6.53 -16.15 -4.50
CA THR A 122 6.77 -17.58 -4.65
C THR A 122 5.41 -18.26 -4.76
N MET A 123 4.37 -17.54 -4.34
CA MET A 123 2.98 -17.93 -4.58
C MET A 123 2.38 -16.94 -5.56
N PRO A 124 1.23 -17.27 -6.15
CA PRO A 124 0.53 -16.29 -7.01
C PRO A 124 0.09 -15.09 -6.17
N PRO A 125 -0.09 -13.92 -6.80
CA PRO A 125 -0.51 -12.73 -6.06
C PRO A 125 -1.80 -12.97 -5.27
N HIS A 126 -1.82 -12.52 -4.03
CA HIS A 126 -2.96 -12.74 -3.15
C HIS A 126 -2.87 -11.84 -1.90
N VAL A 127 -4.01 -11.36 -1.42
CA VAL A 127 -4.04 -10.55 -0.20
C VAL A 127 -3.40 -11.26 0.98
N PHE A 128 -3.43 -12.59 0.96
CA PHE A 128 -2.81 -13.38 2.02
C PHE A 128 -1.31 -13.12 2.07
N ALA A 129 -0.69 -13.02 0.90
CA ALA A 129 0.75 -12.79 0.82
C ALA A 129 1.12 -11.40 1.35
N ILE A 130 0.44 -10.37 0.86
CA ILE A 130 0.52 -9.05 1.50
C ILE A 130 0.42 -9.26 3.02
N ALA A 131 -0.58 -10.00 3.45
CA ALA A 131 -0.79 -10.20 4.88
C ALA A 131 0.35 -10.95 5.58
N ASP A 132 0.81 -12.03 4.94
CA ASP A 132 1.91 -12.82 5.51
C ASP A 132 3.19 -12.01 5.58
N LYS A 133 3.45 -11.22 4.55
CA LYS A 133 4.65 -10.37 4.51
C LYS A 133 4.68 -9.38 5.68
N ALA A 134 3.54 -8.73 5.95
CA ALA A 134 3.48 -7.79 7.08
C ALA A 134 3.88 -8.49 8.39
N PHE A 135 3.35 -9.70 8.60
CA PHE A 135 3.66 -10.47 9.80
C PHE A 135 5.14 -10.82 9.84
N ARG A 136 5.64 -11.32 8.71
CA ARG A 136 7.05 -11.68 8.59
C ARG A 136 7.99 -10.53 8.93
N ASP A 137 7.73 -9.34 8.37
CA ASP A 137 8.55 -8.17 8.67
C ASP A 137 8.37 -7.71 10.11
N MET A 138 7.12 -7.70 10.59
CA MET A 138 6.83 -7.42 11.99
C MET A 138 7.71 -8.29 12.89
N LYS A 139 7.62 -9.61 12.66
CA LYS A 139 8.35 -10.58 13.48
C LYS A 139 9.86 -10.40 13.38
N VAL A 140 10.38 -10.36 12.16
CA VAL A 140 11.82 -10.23 11.99
C VAL A 140 12.35 -8.85 12.40
N LEU A 141 11.71 -7.78 11.93
CA LEU A 141 12.23 -6.44 12.15
C LEU A 141 11.76 -5.84 13.48
N LYS A 142 10.82 -6.53 14.11
CA LYS A 142 10.26 -6.04 15.38
C LYS A 142 9.77 -4.61 15.20
N LEU A 143 8.76 -4.47 14.34
CA LEU A 143 8.24 -3.18 13.92
C LEU A 143 6.78 -3.33 13.53
N SER A 144 5.92 -2.50 14.10
CA SER A 144 4.50 -2.58 13.78
C SER A 144 4.31 -2.34 12.29
N GLN A 145 3.20 -2.83 11.75
CA GLN A 145 2.98 -2.75 10.31
C GLN A 145 1.64 -2.11 9.96
N SER A 146 1.61 -1.43 8.82
CA SER A 146 0.37 -0.86 8.31
C SER A 146 0.13 -1.34 6.89
N ILE A 147 -1.13 -1.66 6.60
CA ILE A 147 -1.55 -2.04 5.26
C ILE A 147 -2.57 -1.01 4.77
N ILE A 148 -2.15 -0.18 3.83
CA ILE A 148 -3.00 0.91 3.38
C ILE A 148 -3.81 0.54 2.15
N VAL A 149 -5.13 0.53 2.29
CA VAL A 149 -6.03 0.17 1.21
C VAL A 149 -6.65 1.39 0.58
N SER A 150 -6.74 1.43 -0.74
CA SER A 150 -7.45 2.51 -1.43
C SER A 150 -8.66 1.92 -2.14
N GLY A 151 -9.48 2.78 -2.74
CA GLY A 151 -10.55 2.32 -3.61
C GLY A 151 -11.87 3.05 -3.42
N GLU A 152 -12.61 3.22 -4.51
CA GLU A 152 -13.90 3.90 -4.41
C GLU A 152 -14.97 2.96 -3.89
N SER A 153 -16.23 3.39 -3.99
CA SER A 153 -17.34 2.58 -3.50
C SER A 153 -17.58 1.40 -4.42
N GLY A 154 -17.75 0.22 -3.82
CA GLY A 154 -17.94 -1.01 -4.57
C GLY A 154 -16.65 -1.61 -5.14
N ALA A 155 -15.51 -1.28 -4.53
CA ALA A 155 -14.22 -1.77 -5.02
C ALA A 155 -13.82 -3.10 -4.39
N GLY A 156 -14.54 -3.51 -3.35
CA GLY A 156 -14.28 -4.78 -2.71
C GLY A 156 -13.42 -4.58 -1.48
N LYS A 157 -13.27 -3.31 -1.10
CA LYS A 157 -12.45 -2.91 0.03
C LYS A 157 -12.84 -3.57 1.36
N THR A 158 -14.14 -3.70 1.60
CA THR A 158 -14.61 -4.28 2.85
C THR A 158 -14.27 -5.76 2.96
N GLU A 159 -14.55 -6.51 1.88
CA GLU A 159 -14.20 -7.94 1.83
C GLU A 159 -12.70 -8.14 1.96
N ASN A 160 -11.93 -7.33 1.23
CA ASN A 160 -10.49 -7.47 1.23
C ASN A 160 -9.90 -7.27 2.62
N THR A 161 -10.49 -6.34 3.38
CA THR A 161 -10.08 -6.14 4.75
C THR A 161 -10.38 -7.38 5.59
N LYS A 162 -11.56 -7.96 5.40
CA LYS A 162 -11.92 -9.17 6.12
C LYS A 162 -10.86 -10.26 5.96
N PHE A 163 -10.46 -10.50 4.71
CA PHE A 163 -9.46 -11.52 4.40
C PHE A 163 -8.13 -11.33 5.13
N VAL A 164 -7.61 -10.10 5.10
CA VAL A 164 -6.38 -9.79 5.84
C VAL A 164 -6.51 -10.21 7.30
N LEU A 165 -7.63 -9.84 7.91
CA LEU A 165 -7.87 -10.14 9.33
C LEU A 165 -8.11 -11.65 9.57
N ARG A 166 -8.96 -12.25 8.75
CA ARG A 166 -9.18 -13.70 8.83
C ARG A 166 -7.85 -14.44 8.70
N TYR A 167 -7.06 -14.09 7.69
CA TYR A 167 -5.79 -14.75 7.45
C TYR A 167 -4.89 -14.68 8.67
N LEU A 168 -4.76 -13.49 9.24
CA LEU A 168 -3.82 -13.28 10.32
C LEU A 168 -4.22 -14.06 11.56
N THR A 169 -5.51 -14.27 11.71
CA THR A 169 -6.04 -14.83 12.95
C THR A 169 -5.97 -16.36 12.95
N GLU A 170 -6.36 -16.98 11.84
CA GLU A 170 -6.27 -18.45 11.69
C GLU A 170 -4.83 -18.92 11.58
N SER A 171 -3.97 -18.06 11.05
CA SER A 171 -2.57 -18.43 10.81
C SER A 171 -1.69 -18.24 12.03
N TYR A 172 -1.92 -17.14 12.77
CA TYR A 172 -0.99 -16.80 13.84
C TYR A 172 -1.72 -16.43 15.13
N GLY A 173 -3.02 -16.71 15.16
CA GLY A 173 -3.79 -16.60 16.37
C GLY A 173 -3.71 -17.92 17.14
N THR A 174 -4.43 -18.00 18.25
CA THR A 174 -4.43 -19.23 19.03
C THR A 174 -5.84 -19.74 19.27
N GLY A 175 -6.44 -20.30 18.23
CA GLY A 175 -7.79 -20.85 18.31
C GLY A 175 -8.84 -19.78 18.52
N GLN A 176 -8.56 -18.82 19.40
CA GLN A 176 -9.46 -17.71 19.68
C GLN A 176 -9.88 -17.04 18.38
N ASP A 177 -10.82 -16.10 18.46
CA ASP A 177 -11.42 -15.56 17.25
C ASP A 177 -11.68 -14.05 17.28
N ILE A 178 -10.62 -13.27 17.09
CA ILE A 178 -10.73 -11.83 17.11
C ILE A 178 -11.39 -11.27 15.86
N ASP A 179 -11.16 -11.90 14.70
CA ASP A 179 -11.77 -11.40 13.47
C ASP A 179 -13.30 -11.42 13.53
N ASP A 180 -13.89 -12.61 13.74
CA ASP A 180 -15.34 -12.70 13.87
C ASP A 180 -15.85 -11.72 14.94
N ARG A 181 -15.01 -11.44 15.93
CA ARG A 181 -15.32 -10.49 16.99
C ARG A 181 -15.38 -9.07 16.42
N ILE A 182 -14.32 -8.67 15.73
CA ILE A 182 -14.29 -7.42 15.00
C ILE A 182 -15.44 -7.35 13.99
N VAL A 183 -15.73 -8.47 13.33
CA VAL A 183 -16.82 -8.56 12.37
C VAL A 183 -18.18 -8.34 13.04
N GLU A 184 -18.29 -8.79 14.29
CA GLU A 184 -19.52 -8.61 15.08
C GLU A 184 -19.70 -7.15 15.49
N ALA A 185 -18.60 -6.54 15.93
CA ALA A 185 -18.60 -5.19 16.45
C ALA A 185 -18.81 -4.12 15.37
N ASN A 186 -18.43 -4.44 14.13
CA ASN A 186 -18.42 -3.48 13.03
C ASN A 186 -19.76 -2.75 12.77
N PRO A 187 -20.89 -3.45 12.90
CA PRO A 187 -22.20 -2.82 12.69
C PRO A 187 -22.44 -1.60 13.59
N LEU A 188 -21.74 -1.57 14.72
CA LEU A 188 -21.85 -0.46 15.64
C LEU A 188 -21.09 0.74 15.05
N LEU A 189 -19.88 0.50 14.54
CA LEU A 189 -19.14 1.55 13.86
C LEU A 189 -19.97 2.12 12.71
N GLU A 190 -20.48 1.25 11.84
CA GLU A 190 -21.23 1.72 10.67
C GLU A 190 -22.42 2.61 11.01
N ALA A 191 -23.02 2.41 12.18
CA ALA A 191 -24.25 3.11 12.49
C ALA A 191 -23.95 4.58 12.75
N PHE A 192 -22.90 4.83 13.52
CA PHE A 192 -22.51 6.16 13.90
C PHE A 192 -21.46 6.80 13.00
N GLY A 193 -20.87 6.02 12.08
CA GLY A 193 -19.73 6.48 11.32
C GLY A 193 -19.88 6.46 9.81
N ASN A 194 -21.00 5.94 9.34
CA ASN A 194 -21.23 5.83 7.90
C ASN A 194 -22.47 6.59 7.55
N ALA A 195 -22.55 7.02 6.30
CA ALA A 195 -23.76 7.67 5.82
C ALA A 195 -23.89 7.49 4.32
N LYS A 196 -25.08 7.79 3.81
CA LYS A 196 -25.28 7.75 2.37
C LYS A 196 -24.64 8.96 1.70
N THR A 197 -23.99 8.73 0.56
CA THR A 197 -23.47 9.81 -0.27
C THR A 197 -24.07 9.70 -1.67
N VAL A 198 -23.67 10.60 -2.55
CA VAL A 198 -24.16 10.58 -3.92
C VAL A 198 -23.72 9.30 -4.64
N ARG A 199 -22.56 8.77 -4.25
CA ARG A 199 -21.97 7.63 -4.96
C ARG A 199 -22.07 6.30 -4.22
N ASN A 200 -22.52 6.35 -2.97
CA ASN A 200 -22.52 5.15 -2.14
C ASN A 200 -23.52 5.25 -0.99
N ASN A 201 -24.36 4.24 -0.84
CA ASN A 201 -25.42 4.29 0.17
C ASN A 201 -24.88 4.00 1.56
N ASN A 202 -23.68 3.44 1.64
CA ASN A 202 -23.12 3.08 2.94
C ASN A 202 -21.63 3.42 3.02
N SER A 203 -21.34 4.72 2.89
CA SER A 203 -19.97 5.23 2.87
C SER A 203 -19.44 5.50 4.27
N SER A 204 -18.17 5.15 4.50
CA SER A 204 -17.50 5.43 5.78
C SER A 204 -16.95 6.86 5.78
N ARG A 205 -17.25 7.62 6.84
CA ARG A 205 -16.93 9.04 6.90
C ARG A 205 -15.84 9.34 7.92
N PHE A 206 -15.14 8.29 8.35
CA PHE A 206 -13.97 8.48 9.20
C PHE A 206 -12.84 7.57 8.76
N GLY A 207 -11.67 7.81 9.32
CA GLY A 207 -10.51 6.97 9.05
C GLY A 207 -10.47 5.84 10.06
N LYS A 208 -10.52 4.60 9.56
CA LYS A 208 -10.53 3.42 10.41
C LYS A 208 -9.21 2.67 10.25
N PHE A 209 -8.42 2.62 11.32
CA PHE A 209 -7.22 1.81 11.33
C PHE A 209 -7.43 0.60 12.24
N VAL A 210 -7.87 -0.51 11.66
CA VAL A 210 -8.13 -1.73 12.45
C VAL A 210 -6.85 -2.48 12.75
N GLU A 211 -6.39 -2.38 14.00
CA GLU A 211 -5.13 -2.97 14.41
C GLU A 211 -5.32 -4.38 15.02
N ILE A 212 -4.50 -5.34 14.57
CA ILE A 212 -4.42 -6.67 15.18
C ILE A 212 -3.13 -6.69 15.97
N HIS A 213 -3.22 -6.82 17.29
CA HIS A 213 -2.03 -6.69 18.15
C HIS A 213 -1.38 -8.04 18.44
N PHE A 214 -0.08 -8.02 18.75
CA PHE A 214 0.70 -9.25 18.92
C PHE A 214 1.57 -9.22 20.17
N ASN A 215 1.66 -10.36 20.88
CA ASN A 215 2.54 -10.47 22.04
C ASN A 215 4.01 -10.61 21.65
N GLU A 216 4.89 -10.64 22.66
CA GLU A 216 6.34 -10.69 22.46
C GLU A 216 6.82 -11.84 21.56
N LYS A 217 5.99 -12.88 21.40
CA LYS A 217 6.38 -14.01 20.56
C LYS A 217 5.55 -14.08 19.28
N SER A 218 5.03 -12.92 18.88
CA SER A 218 4.32 -12.79 17.60
C SER A 218 3.05 -13.65 17.50
N SER A 219 2.36 -13.80 18.61
CA SER A 219 1.04 -14.43 18.60
C SER A 219 -0.06 -13.38 18.83
N VAL A 220 -1.17 -13.54 18.11
CA VAL A 220 -2.30 -12.63 18.20
C VAL A 220 -2.90 -12.63 19.59
N VAL A 221 -3.22 -11.43 20.10
CA VAL A 221 -3.66 -11.27 21.49
C VAL A 221 -4.78 -10.24 21.67
N GLY A 222 -5.16 -9.58 20.59
CA GLY A 222 -6.25 -8.62 20.65
C GLY A 222 -6.39 -7.72 19.45
N GLY A 223 -7.44 -6.91 19.45
CA GLY A 223 -7.69 -5.94 18.41
C GLY A 223 -7.75 -4.52 18.95
N PHE A 224 -7.74 -3.54 18.03
CA PHE A 224 -7.90 -2.15 18.40
C PHE A 224 -8.23 -1.27 17.20
N VAL A 225 -9.43 -0.70 17.21
CA VAL A 225 -9.86 0.15 16.12
C VAL A 225 -9.47 1.58 16.41
N SER A 226 -8.38 2.04 15.78
CA SER A 226 -8.05 3.45 15.82
C SER A 226 -8.91 4.19 14.81
N HIS A 227 -9.30 5.42 15.16
CA HIS A 227 -10.22 6.17 14.32
C HIS A 227 -9.78 7.62 14.19
N TYR A 228 -10.12 8.25 13.06
CA TYR A 228 -9.60 9.57 12.73
C TYR A 228 -10.60 10.36 11.91
N LEU A 229 -10.65 11.67 12.12
CA LEU A 229 -11.23 12.57 11.12
C LEU A 229 -12.67 12.26 10.74
N LEU A 230 -13.50 11.94 11.74
CA LEU A 230 -14.92 11.84 11.46
C LEU A 230 -15.35 13.12 10.76
N GLU A 231 -16.21 13.02 9.75
CA GLU A 231 -16.62 14.20 9.01
C GLU A 231 -17.71 14.98 9.80
N LYS A 232 -17.32 16.05 10.50
CA LYS A 232 -18.22 16.79 11.40
C LYS A 232 -19.32 17.60 10.71
N SER A 233 -19.05 18.07 9.50
CA SER A 233 -19.97 18.98 8.85
C SER A 233 -21.28 18.29 8.53
N ARG A 234 -21.18 17.00 8.19
CA ARG A 234 -22.34 16.16 7.87
C ARG A 234 -23.35 16.07 9.01
N ILE A 235 -22.87 16.28 10.23
CA ILE A 235 -23.71 16.20 11.41
C ILE A 235 -24.86 17.20 11.35
N CYS A 236 -24.64 18.34 10.69
CA CYS A 236 -25.67 19.40 10.65
C CYS A 236 -26.20 19.65 9.24
N VAL A 237 -25.33 19.43 8.25
CA VAL A 237 -25.63 19.82 6.87
C VAL A 237 -25.15 18.73 5.89
N GLN A 238 -25.94 18.47 4.86
CA GLN A 238 -25.54 17.53 3.83
C GLN A 238 -26.02 18.10 2.51
N GLY A 239 -25.50 17.60 1.41
CA GLY A 239 -25.90 18.09 0.11
C GLY A 239 -27.06 17.27 -0.41
N LYS A 240 -27.59 17.65 -1.56
CA LYS A 240 -28.60 16.84 -2.19
C LYS A 240 -28.01 15.46 -2.44
N GLU A 241 -28.82 14.43 -2.23
CA GLU A 241 -28.41 13.08 -2.50
C GLU A 241 -27.60 12.51 -1.33
N GLU A 242 -27.34 13.35 -0.33
CA GLU A 242 -26.57 12.93 0.82
C GLU A 242 -27.45 12.90 2.06
N ARG A 243 -27.01 12.13 3.07
CA ARG A 243 -27.71 12.09 4.35
C ARG A 243 -26.70 12.19 5.47
N ASN A 244 -27.22 12.46 6.66
CA ASN A 244 -26.49 12.46 7.91
C ASN A 244 -26.12 11.01 8.25
N TYR A 245 -25.51 10.77 9.41
CA TYR A 245 -25.13 9.42 9.78
C TYR A 245 -26.32 8.48 9.97
N HIS A 246 -26.14 7.22 9.54
CA HIS A 246 -27.20 6.22 9.53
C HIS A 246 -28.06 6.24 10.79
N ILE A 247 -27.40 6.19 11.94
CA ILE A 247 -28.09 6.04 13.20
C ILE A 247 -29.33 6.93 13.32
N PHE A 248 -29.21 8.19 12.88
CA PHE A 248 -30.29 9.17 13.04
C PHE A 248 -31.57 8.67 12.41
N TYR A 249 -31.47 8.24 11.15
CA TYR A 249 -32.64 7.79 10.40
C TYR A 249 -33.15 6.44 10.88
N ARG A 250 -32.24 5.60 11.35
CA ARG A 250 -32.65 4.29 11.82
C ARG A 250 -33.55 4.46 13.02
N LEU A 251 -33.06 5.21 14.00
CA LEU A 251 -33.79 5.48 15.24
C LEU A 251 -35.17 6.08 14.96
N CYS A 252 -35.26 7.04 14.05
CA CYS A 252 -36.52 7.71 13.74
C CYS A 252 -37.52 6.78 13.07
N ALA A 253 -37.04 5.72 12.42
CA ALA A 253 -37.95 4.83 11.71
C ALA A 253 -38.18 3.50 12.42
N GLY A 254 -37.32 3.18 13.38
CA GLY A 254 -37.32 1.86 13.96
C GLY A 254 -37.64 1.76 15.45
N ALA A 255 -37.42 2.83 16.20
CA ALA A 255 -37.65 2.80 17.64
C ALA A 255 -39.07 2.33 17.97
N SER A 256 -39.21 1.67 19.11
CA SER A 256 -40.51 1.24 19.59
C SER A 256 -41.39 2.44 19.85
N GLU A 257 -42.69 2.24 19.74
CA GLU A 257 -43.65 3.31 20.02
C GLU A 257 -43.36 3.93 21.38
N ASP A 258 -42.76 3.13 22.26
CA ASP A 258 -42.34 3.59 23.59
C ASP A 258 -41.18 4.57 23.53
N ILE A 259 -40.03 4.06 23.06
CA ILE A 259 -38.80 4.85 22.91
C ILE A 259 -39.08 6.11 22.09
N ARG A 260 -39.84 5.92 21.02
CA ARG A 260 -40.28 7.00 20.15
C ARG A 260 -40.96 8.11 20.97
N GLU A 261 -41.65 7.73 22.04
CA GLU A 261 -42.33 8.69 22.91
C GLU A 261 -41.38 9.36 23.89
N ARG A 262 -40.56 8.56 24.58
CA ARG A 262 -39.60 9.13 25.52
C ARG A 262 -38.64 10.14 24.85
N LEU A 263 -38.21 9.85 23.62
CA LEU A 263 -37.25 10.72 22.92
C LEU A 263 -37.93 11.70 21.97
N HIS A 264 -39.26 11.71 21.98
CA HIS A 264 -40.05 12.60 21.13
C HIS A 264 -39.57 12.54 19.67
N LEU A 265 -39.27 11.34 19.20
CA LEU A 265 -38.87 11.16 17.82
C LEU A 265 -40.05 11.37 16.89
N SER A 266 -39.85 11.04 15.61
CA SER A 266 -40.87 11.15 14.57
C SER A 266 -40.14 11.10 13.23
N SER A 267 -40.87 11.35 12.14
CA SER A 267 -40.27 11.34 10.81
C SER A 267 -38.99 12.17 10.74
N PRO A 268 -37.95 11.64 10.07
CA PRO A 268 -36.72 12.41 9.87
C PRO A 268 -37.00 13.74 9.17
N ASP A 269 -38.08 13.81 8.41
CA ASP A 269 -38.43 15.05 7.73
C ASP A 269 -38.74 16.15 8.74
N ASN A 270 -38.94 15.78 10.00
CA ASN A 270 -39.24 16.75 11.04
C ASN A 270 -37.98 17.31 11.71
N PHE A 271 -36.81 16.96 11.18
CA PHE A 271 -35.56 17.47 11.75
C PHE A 271 -34.65 18.14 10.72
N ARG A 272 -34.31 19.39 10.97
CA ARG A 272 -33.47 20.19 10.08
C ARG A 272 -32.20 19.41 9.73
N TYR A 273 -31.61 18.79 10.75
CA TYR A 273 -30.37 18.05 10.62
C TYR A 273 -30.43 16.80 9.74
N LEU A 274 -31.61 16.45 9.21
CA LEU A 274 -31.73 15.21 8.44
C LEU A 274 -32.37 15.42 7.09
N ASN A 275 -31.55 15.51 6.05
CA ASN A 275 -32.11 15.62 4.71
C ASN A 275 -32.46 14.25 4.12
N ARG A 276 -33.31 14.26 3.10
CA ARG A 276 -33.87 13.03 2.53
C ARG A 276 -32.83 12.18 1.78
N ASP A 282 -35.09 7.71 0.10
CA ASP A 282 -34.63 6.70 -0.84
C ASP A 282 -35.08 5.29 -0.44
N PRO A 283 -35.93 4.66 -1.26
CA PRO A 283 -36.62 3.40 -0.94
C PRO A 283 -35.69 2.25 -0.57
N LEU A 284 -34.60 2.07 -1.32
CA LEU A 284 -33.68 0.97 -1.04
C LEU A 284 -32.97 1.17 0.28
N LEU A 285 -33.09 2.37 0.84
CA LEU A 285 -32.58 2.63 2.18
C LEU A 285 -33.57 2.08 3.21
N ASP A 286 -33.29 0.87 3.69
CA ASP A 286 -34.18 0.27 4.69
C ASP A 286 -33.79 0.64 6.10
N ASP A 287 -34.19 1.84 6.52
CA ASP A 287 -33.89 2.31 7.87
C ASP A 287 -34.61 1.49 8.94
N HIS A 288 -35.87 1.18 8.70
CA HIS A 288 -36.64 0.35 9.64
C HIS A 288 -35.92 -0.97 9.91
N GLY A 289 -35.62 -1.71 8.85
CA GLY A 289 -34.94 -2.99 8.95
C GLY A 289 -33.51 -2.92 9.46
N ASP A 290 -32.74 -1.96 8.96
CA ASP A 290 -31.35 -1.83 9.38
C ASP A 290 -31.27 -1.46 10.86
N PHE A 291 -32.31 -0.80 11.37
CA PHE A 291 -32.38 -0.49 12.79
C PHE A 291 -32.56 -1.78 13.60
N ILE A 292 -33.44 -2.65 13.12
CA ILE A 292 -33.66 -3.94 13.77
C ILE A 292 -32.41 -4.82 13.70
N ARG A 293 -31.87 -4.96 12.51
CA ARG A 293 -30.61 -5.68 12.36
C ARG A 293 -29.51 -5.07 13.22
N MET A 294 -29.54 -3.74 13.39
CA MET A 294 -28.54 -3.06 14.21
C MET A 294 -28.67 -3.44 15.68
N CYS A 295 -29.89 -3.44 16.20
CA CYS A 295 -30.11 -3.81 17.59
C CYS A 295 -29.70 -5.26 17.81
N THR A 296 -30.10 -6.11 16.86
CA THR A 296 -29.73 -7.51 16.89
C THR A 296 -28.22 -7.65 17.10
N ALA A 297 -27.45 -6.93 16.30
CA ALA A 297 -26.00 -6.91 16.41
C ALA A 297 -25.50 -6.29 17.72
N MET A 298 -26.21 -5.28 18.22
CA MET A 298 -25.80 -4.64 19.48
C MET A 298 -25.85 -5.62 20.65
N LYS A 299 -26.86 -6.49 20.64
CA LYS A 299 -27.05 -7.47 21.70
C LYS A 299 -25.96 -8.55 21.64
N LYS A 300 -25.67 -9.05 20.43
CA LYS A 300 -24.60 -10.03 20.25
C LYS A 300 -23.28 -9.51 20.83
N ILE A 301 -23.17 -8.19 20.93
CA ILE A 301 -21.97 -7.50 21.40
C ILE A 301 -21.92 -7.37 22.92
N GLY A 302 -23.06 -7.56 23.57
CA GLY A 302 -23.13 -7.42 25.02
C GLY A 302 -23.56 -6.01 25.42
N LEU A 303 -24.24 -5.34 24.51
CA LEU A 303 -24.75 -3.98 24.73
C LEU A 303 -26.17 -4.05 25.26
N ASP A 304 -26.32 -3.83 26.56
CA ASP A 304 -27.62 -3.91 27.23
C ASP A 304 -28.55 -2.74 26.86
N ASP A 305 -29.80 -2.83 27.29
CA ASP A 305 -30.78 -1.82 26.92
C ASP A 305 -30.47 -0.47 27.56
N GLU A 306 -29.69 -0.48 28.63
CA GLU A 306 -29.34 0.74 29.34
C GLU A 306 -28.40 1.62 28.52
N GLU A 307 -27.23 1.10 28.16
CA GLU A 307 -26.33 1.93 27.36
C GLU A 307 -26.88 2.08 25.94
N LYS A 308 -27.62 1.10 25.45
CA LYS A 308 -28.35 1.30 24.21
C LYS A 308 -29.20 2.60 24.26
N LEU A 309 -29.96 2.76 25.34
CA LEU A 309 -30.85 3.92 25.47
C LEU A 309 -30.02 5.20 25.69
N ASP A 310 -28.98 5.09 26.51
CA ASP A 310 -28.03 6.19 26.66
C ASP A 310 -27.50 6.69 25.31
N LEU A 311 -27.17 5.75 24.41
CA LEU A 311 -26.75 6.14 23.05
C LEU A 311 -27.89 6.85 22.33
N PHE A 312 -29.08 6.27 22.37
CA PHE A 312 -30.22 6.85 21.65
C PHE A 312 -30.63 8.23 22.21
N ARG A 313 -30.38 8.47 23.49
CA ARG A 313 -30.76 9.74 24.12
C ARG A 313 -29.97 10.92 23.54
N VAL A 314 -28.67 10.73 23.44
CA VAL A 314 -27.82 11.77 22.87
C VAL A 314 -28.20 12.00 21.41
N VAL A 315 -28.35 10.92 20.65
CA VAL A 315 -28.77 11.05 19.26
C VAL A 315 -30.01 11.90 19.10
N ALA A 316 -31.04 11.61 19.89
CA ALA A 316 -32.26 12.42 19.90
C ALA A 316 -32.00 13.85 20.38
N GLY A 317 -31.21 13.99 21.44
CA GLY A 317 -30.85 15.30 21.95
C GLY A 317 -30.29 16.21 20.86
N VAL A 318 -29.40 15.66 20.02
CA VAL A 318 -28.80 16.39 18.92
C VAL A 318 -29.83 16.73 17.86
N LEU A 319 -30.75 15.81 17.62
CA LEU A 319 -31.80 16.07 16.65
C LEU A 319 -32.68 17.25 17.07
N HIS A 320 -32.96 17.35 18.38
CA HIS A 320 -33.82 18.43 18.87
C HIS A 320 -33.04 19.73 18.91
N LEU A 321 -31.79 19.65 19.37
CA LEU A 321 -30.89 20.81 19.31
C LEU A 321 -31.02 21.48 17.95
N GLY A 322 -30.85 20.68 16.90
CA GLY A 322 -30.83 21.16 15.53
C GLY A 322 -32.10 21.82 15.06
N ASN A 323 -33.17 21.64 15.83
CA ASN A 323 -34.47 22.20 15.48
C ASN A 323 -34.72 23.60 16.06
N ILE A 324 -33.97 23.94 17.10
CA ILE A 324 -34.00 25.28 17.67
C ILE A 324 -33.67 26.37 16.64
N ASP A 325 -34.68 27.21 16.35
CA ASP A 325 -34.54 28.36 15.45
C ASP A 325 -34.38 29.66 16.22
N PHE A 326 -33.91 30.69 15.53
CA PHE A 326 -33.69 31.99 16.16
C PHE A 326 -34.19 33.14 15.29
N GLU A 327 -34.40 34.29 15.93
CA GLU A 327 -34.80 35.50 15.21
C GLU A 327 -34.37 36.78 15.94
N GLU A 328 -34.24 37.88 15.22
CA GLU A 328 -33.96 39.16 15.86
C GLU A 328 -35.24 39.72 16.48
N ALA A 329 -35.15 40.24 17.70
CA ALA A 329 -36.31 40.84 18.38
C ALA A 329 -36.17 42.34 18.63
N GLY A 330 -34.93 42.84 18.59
CA GLY A 330 -34.65 44.24 18.85
C GLY A 330 -34.29 44.47 20.31
N SER A 331 -33.95 43.38 20.98
CA SER A 331 -33.81 43.32 22.44
C SER A 331 -32.54 43.96 22.97
N THR A 332 -32.46 45.29 22.97
CA THR A 332 -31.22 45.97 23.32
C THR A 332 -30.04 45.08 22.94
N SER A 333 -29.77 45.00 21.64
CA SER A 333 -28.71 44.14 21.10
C SER A 333 -27.41 44.25 21.91
N GLY A 335 -28.48 41.38 19.71
CA GLY A 335 -28.80 40.03 20.16
C GLY A 335 -30.11 39.49 19.61
N CYS A 336 -30.26 38.18 19.64
CA CYS A 336 -31.44 37.54 19.07
C CYS A 336 -32.16 36.75 20.15
N ASN A 337 -33.26 36.09 19.79
CA ASN A 337 -33.86 35.11 20.68
C ASN A 337 -34.42 33.88 19.97
N LEU A 338 -34.64 32.79 20.71
CA LEU A 338 -35.27 31.60 20.17
C LEU A 338 -36.67 31.91 19.65
N LYS A 339 -37.00 31.40 18.47
CA LYS A 339 -38.38 31.48 18.04
C LYS A 339 -39.25 30.70 19.05
N ASN A 340 -40.38 31.27 19.43
CA ASN A 340 -41.27 30.60 20.38
C ASN A 340 -41.71 29.23 19.86
N LYS A 341 -41.79 29.11 18.53
CA LYS A 341 -42.04 27.83 17.88
C LYS A 341 -40.99 26.78 18.22
N SER A 342 -39.85 27.20 18.74
CA SER A 342 -38.77 26.25 19.02
C SER A 342 -38.71 25.84 20.49
N THR A 343 -39.65 26.39 21.27
CA THR A 343 -39.76 26.09 22.69
C THR A 343 -39.72 24.59 22.97
N GLN A 344 -40.47 23.83 22.20
CA GLN A 344 -40.52 22.38 22.41
C GLN A 344 -39.17 21.70 22.10
N ALA A 345 -38.58 22.06 20.96
CA ALA A 345 -37.27 21.50 20.59
C ALA A 345 -36.28 21.77 21.70
N LEU A 346 -36.42 22.93 22.32
CA LEU A 346 -35.48 23.38 23.36
C LEU A 346 -35.65 22.60 24.65
N GLU A 347 -36.90 22.33 25.03
CA GLU A 347 -37.15 21.58 26.26
C GLU A 347 -36.80 20.11 26.02
N TYR A 348 -37.26 19.56 24.90
CA TYR A 348 -36.84 18.21 24.50
C TYR A 348 -35.32 18.07 24.48
N CYS A 349 -34.65 19.02 23.85
CA CYS A 349 -33.19 18.93 23.76
C CYS A 349 -32.56 19.02 25.14
N ALA A 350 -32.95 20.04 25.90
CA ALA A 350 -32.48 20.21 27.28
C ALA A 350 -32.70 18.96 28.14
N GLU A 351 -33.83 18.30 27.88
CA GLU A 351 -34.26 17.14 28.64
C GLU A 351 -33.35 15.94 28.34
N LEU A 352 -33.17 15.67 27.04
CA LEU A 352 -32.33 14.56 26.59
C LEU A 352 -30.84 14.77 26.86
N LEU A 353 -30.41 16.02 26.96
CA LEU A 353 -28.99 16.29 27.20
C LEU A 353 -28.71 16.60 28.66
N GLY A 354 -29.76 16.54 29.48
CA GLY A 354 -29.63 16.75 30.92
C GLY A 354 -29.20 18.15 31.28
N LEU A 355 -29.78 19.14 30.60
CA LEU A 355 -29.39 20.52 30.81
C LEU A 355 -30.58 21.32 31.28
N ASP A 356 -30.29 22.42 31.98
CA ASP A 356 -31.36 23.33 32.36
C ASP A 356 -31.81 24.14 31.14
N GLN A 357 -33.12 24.08 30.88
CA GLN A 357 -33.73 24.70 29.71
C GLN A 357 -33.34 26.17 29.57
N ASP A 358 -33.23 26.88 30.69
CA ASP A 358 -32.92 28.30 30.63
C ASP A 358 -31.40 28.55 30.45
N ASP A 359 -30.59 27.80 31.17
CA ASP A 359 -29.14 27.85 30.97
C ASP A 359 -28.80 27.68 29.49
N LEU A 360 -29.32 26.59 28.91
CA LEU A 360 -29.11 26.30 27.50
C LEU A 360 -29.52 27.49 26.64
N ARG A 361 -30.70 28.04 26.93
CA ARG A 361 -31.22 29.14 26.14
C ARG A 361 -30.32 30.37 26.13
N VAL A 362 -29.88 30.77 27.32
CA VAL A 362 -28.96 31.88 27.46
C VAL A 362 -27.66 31.58 26.69
N SER A 363 -27.15 30.35 26.81
CA SER A 363 -25.87 30.03 26.17
C SER A 363 -25.93 29.83 24.66
N LEU A 364 -27.14 29.65 24.13
CA LEU A 364 -27.30 29.60 22.68
C LEU A 364 -27.44 30.99 22.04
N THR A 365 -27.80 31.99 22.84
CA THR A 365 -28.06 33.34 22.31
C THR A 365 -27.15 34.43 22.89
N THR A 366 -26.25 34.04 23.79
CA THR A 366 -25.24 34.95 24.33
C THR A 366 -23.91 34.21 24.54
N ARG A 367 -22.82 34.96 24.64
CA ARG A 367 -21.49 34.39 24.90
C ARG A 367 -20.80 35.16 26.01
N VAL A 368 -19.91 34.52 26.75
CA VAL A 368 -19.22 35.17 27.86
C VAL A 368 -17.80 35.59 27.49
N ILE A 381 -18.91 39.70 31.44
CA ILE A 381 -19.03 40.25 30.09
C ILE A 381 -19.88 39.35 29.19
N LYS A 382 -21.14 39.73 29.01
CA LYS A 382 -22.06 38.95 28.19
C LYS A 382 -22.31 39.59 26.82
N VAL A 383 -21.68 39.03 25.80
CA VAL A 383 -21.86 39.44 24.41
C VAL A 383 -23.13 38.78 23.86
N PRO A 384 -24.11 39.57 23.41
CA PRO A 384 -25.26 38.93 22.76
C PRO A 384 -24.87 38.39 21.39
N LEU A 385 -25.62 37.42 20.88
CA LEU A 385 -25.31 36.88 19.58
C LEU A 385 -26.41 37.20 18.60
N LYS A 386 -26.04 37.54 17.37
CA LYS A 386 -26.99 37.66 16.29
C LYS A 386 -27.49 36.27 15.89
N VAL A 387 -28.43 36.25 14.96
CA VAL A 387 -29.05 35.01 14.49
C VAL A 387 -27.99 34.01 13.95
N GLU A 388 -27.21 34.43 12.96
CA GLU A 388 -26.16 33.57 12.41
C GLU A 388 -25.23 33.03 13.49
N GLN A 389 -24.81 33.90 14.41
CA GLN A 389 -23.90 33.47 15.46
C GLN A 389 -24.48 32.37 16.37
N ALA A 390 -25.78 32.47 16.68
CA ALA A 390 -26.52 31.49 17.48
C ALA A 390 -26.74 30.18 16.73
N ASN A 391 -27.07 30.30 15.45
CA ASN A 391 -27.06 29.16 14.55
C ASN A 391 -25.76 28.38 14.63
N ASN A 392 -24.64 29.12 14.71
CA ASN A 392 -23.32 28.50 14.75
C ASN A 392 -23.06 27.92 16.12
N ALA A 393 -23.65 28.54 17.15
CA ALA A 393 -23.50 27.99 18.50
C ALA A 393 -24.28 26.68 18.63
N ARG A 394 -25.48 26.65 18.08
CA ARG A 394 -26.30 25.47 18.04
C ARG A 394 -25.53 24.32 17.34
N ASP A 395 -25.08 24.60 16.12
CA ASP A 395 -24.37 23.60 15.33
C ASP A 395 -23.05 23.18 15.97
N ALA A 396 -22.32 24.12 16.57
CA ALA A 396 -21.06 23.77 17.22
C ALA A 396 -21.27 22.76 18.36
N LEU A 397 -22.29 23.02 19.19
CA LEU A 397 -22.68 22.08 20.24
C LEU A 397 -23.06 20.72 19.67
N ALA A 398 -23.87 20.73 18.64
CA ALA A 398 -24.34 19.52 18.00
C ALA A 398 -23.13 18.68 17.50
N LYS A 399 -22.20 19.34 16.82
CA LYS A 399 -21.02 18.64 16.29
C LYS A 399 -20.15 18.07 17.42
N THR A 400 -19.88 18.86 18.46
CA THR A 400 -19.06 18.35 19.56
C THR A 400 -19.70 17.17 20.29
N VAL A 401 -21.00 17.27 20.52
CA VAL A 401 -21.69 16.24 21.28
C VAL A 401 -21.65 14.93 20.49
N TYR A 402 -22.07 14.96 19.23
CA TYR A 402 -22.06 13.76 18.39
C TYR A 402 -20.65 13.18 18.23
N SER A 403 -19.67 14.06 18.09
CA SER A 403 -18.30 13.62 17.91
C SER A 403 -17.78 12.89 19.15
N HIS A 404 -18.18 13.35 20.33
CA HIS A 404 -17.77 12.68 21.56
C HIS A 404 -18.52 11.36 21.72
N LEU A 405 -19.74 11.34 21.20
CA LEU A 405 -20.55 10.13 21.17
C LEU A 405 -19.90 9.07 20.28
N PHE A 406 -19.39 9.49 19.13
CA PHE A 406 -18.69 8.57 18.24
C PHE A 406 -17.42 8.08 18.89
N ASP A 407 -16.70 8.99 19.57
CA ASP A 407 -15.52 8.56 20.31
C ASP A 407 -15.86 7.44 21.26
N HIS A 408 -16.94 7.64 22.03
CA HIS A 408 -17.40 6.65 23.00
C HIS A 408 -17.79 5.34 22.32
N VAL A 409 -18.46 5.43 21.18
CA VAL A 409 -18.97 4.27 20.47
C VAL A 409 -17.81 3.40 20.00
N VAL A 410 -16.73 4.04 19.55
CA VAL A 410 -15.54 3.32 19.09
C VAL A 410 -14.81 2.71 20.27
N ASN A 411 -14.87 3.37 21.42
CA ASN A 411 -14.24 2.83 22.63
C ASN A 411 -14.95 1.56 23.13
N ARG A 412 -16.28 1.54 23.07
CA ARG A 412 -17.04 0.35 23.46
C ARG A 412 -16.75 -0.81 22.51
N VAL A 413 -16.70 -0.50 21.22
CA VAL A 413 -16.31 -1.50 20.23
C VAL A 413 -14.95 -2.10 20.57
N ASN A 414 -14.01 -1.26 20.97
CA ASN A 414 -12.69 -1.75 21.35
C ASN A 414 -12.71 -2.66 22.57
N GLN A 415 -13.69 -2.45 23.44
CA GLN A 415 -13.87 -3.29 24.62
C GLN A 415 -14.42 -4.70 24.29
N CYS A 416 -14.92 -4.88 23.07
CA CYS A 416 -15.37 -6.18 22.59
C CYS A 416 -14.22 -7.13 22.25
N PHE A 417 -13.00 -6.71 22.53
CA PHE A 417 -11.83 -7.54 22.21
C PHE A 417 -10.53 -6.94 22.73
N PRO A 418 -10.52 -6.59 24.02
CA PRO A 418 -9.40 -5.92 24.67
C PRO A 418 -8.17 -6.81 24.78
N PHE A 419 -7.04 -6.21 25.04
CA PHE A 419 -5.84 -6.95 25.40
C PHE A 419 -5.15 -6.20 26.54
N GLU A 420 -4.27 -6.90 27.24
CA GLU A 420 -3.59 -6.32 28.40
C GLU A 420 -2.43 -5.48 27.93
N THR A 421 -1.58 -6.09 27.12
CA THR A 421 -0.46 -5.39 26.51
C THR A 421 -0.16 -6.05 25.18
N SER A 422 0.73 -5.43 24.40
CA SER A 422 1.19 -6.02 23.14
C SER A 422 2.55 -5.44 22.79
N SER A 423 3.23 -6.06 21.84
CA SER A 423 4.53 -5.57 21.39
C SER A 423 4.38 -4.81 20.08
N TYR A 424 3.63 -5.40 19.14
CA TYR A 424 3.41 -4.77 17.85
C TYR A 424 2.03 -5.10 17.35
N PHE A 425 1.63 -4.40 16.28
CA PHE A 425 0.33 -4.65 15.67
C PHE A 425 0.49 -4.66 14.16
N ILE A 426 -0.55 -5.14 13.49
CA ILE A 426 -0.67 -5.03 12.04
C ILE A 426 -2.04 -4.41 11.82
N GLY A 427 -2.06 -3.22 11.22
CA GLY A 427 -3.29 -2.49 11.03
C GLY A 427 -3.66 -2.30 9.58
N VAL A 428 -4.95 -2.35 9.30
CA VAL A 428 -5.45 -2.06 7.97
C VAL A 428 -6.11 -0.67 8.01
N LEU A 429 -5.66 0.23 7.13
CA LEU A 429 -6.17 1.59 7.10
C LEU A 429 -7.20 1.71 6.01
N ASP A 430 -8.37 2.21 6.38
CA ASP A 430 -9.45 2.48 5.46
C ASP A 430 -9.88 3.98 5.65
N ILE A 431 -9.85 4.75 4.58
CA ILE A 431 -10.21 6.17 4.64
C ILE A 431 -10.54 6.72 3.26
N ALA A 432 -11.64 7.49 3.19
CA ALA A 432 -12.13 8.06 1.95
C ALA A 432 -11.00 8.50 0.99
N GLY A 433 -11.11 8.11 -0.28
CA GLY A 433 -10.09 8.40 -1.28
C GLY A 433 -10.24 9.73 -2.02
N PHE A 434 -9.27 10.04 -2.86
CA PHE A 434 -9.30 11.24 -3.69
C PHE A 434 -10.59 11.30 -4.49
N GLU A 435 -11.19 12.48 -4.59
CA GLU A 435 -12.49 12.62 -5.23
C GLU A 435 -12.70 14.00 -5.83
N TYR A 436 -13.44 14.08 -6.93
CA TYR A 436 -13.88 15.37 -7.47
C TYR A 436 -15.25 15.25 -8.11
N PHE A 437 -15.96 16.37 -8.16
CA PHE A 437 -17.28 16.42 -8.76
C PHE A 437 -17.36 17.62 -9.67
N GLU A 438 -18.49 17.80 -10.32
CA GLU A 438 -18.73 19.01 -11.10
C GLU A 438 -18.62 20.26 -10.21
N HIS A 439 -19.01 20.13 -8.95
CA HIS A 439 -18.85 21.23 -8.01
C HIS A 439 -18.10 20.76 -6.77
N ASN A 440 -16.97 21.39 -6.50
CA ASN A 440 -16.16 21.03 -5.34
C ASN A 440 -16.12 22.12 -4.27
N SER A 441 -16.43 21.73 -3.05
CA SER A 441 -16.39 22.68 -1.96
C SER A 441 -15.37 22.24 -0.93
N PHE A 442 -15.46 22.81 0.27
CA PHE A 442 -14.50 22.58 1.33
C PHE A 442 -14.39 21.12 1.72
N GLU A 443 -15.50 20.39 1.64
CA GLU A 443 -15.50 18.97 1.98
C GLU A 443 -14.50 18.20 1.11
N GLN A 444 -14.55 18.42 -0.21
CA GLN A 444 -13.63 17.77 -1.14
C GLN A 444 -12.20 18.24 -0.93
N PHE A 445 -12.06 19.53 -0.61
CA PHE A 445 -10.76 20.13 -0.30
C PHE A 445 -10.03 19.38 0.80
N CYS A 446 -10.71 19.16 1.93
CA CYS A 446 -10.08 18.50 3.07
C CYS A 446 -9.74 17.05 2.73
N ILE A 447 -10.70 16.36 2.13
CA ILE A 447 -10.53 14.97 1.75
C ILE A 447 -9.35 14.82 0.78
N ASN A 448 -9.29 15.68 -0.24
CA ASN A 448 -8.20 15.60 -1.20
C ASN A 448 -6.86 16.02 -0.62
N TYR A 449 -6.90 16.87 0.40
CA TYR A 449 -5.70 17.27 1.11
C TYR A 449 -5.17 16.07 1.90
N CYS A 450 -6.10 15.31 2.45
CA CYS A 450 -5.79 14.12 3.21
C CYS A 450 -5.08 13.10 2.31
N ASN A 451 -5.66 12.83 1.14
CA ASN A 451 -5.05 11.94 0.18
C ASN A 451 -3.75 12.45 -0.45
N GLU A 452 -3.59 13.77 -0.55
CA GLU A 452 -2.33 14.32 -0.99
C GLU A 452 -1.19 13.97 -0.04
N LYS A 453 -1.44 14.02 1.26
CA LYS A 453 -0.41 13.64 2.24
C LYS A 453 -0.22 12.12 2.30
N LEU A 454 -1.29 11.35 2.14
CA LEU A 454 -1.18 9.89 2.09
C LEU A 454 -0.40 9.46 0.86
N GLN A 455 -0.61 10.16 -0.24
CA GLN A 455 0.13 9.89 -1.48
C GLN A 455 1.60 10.19 -1.31
N GLN A 456 1.92 11.32 -0.68
CA GLN A 456 3.34 11.58 -0.41
C GLN A 456 3.93 10.37 0.32
N PHE A 457 3.20 9.87 1.31
CA PHE A 457 3.64 8.72 2.08
C PHE A 457 3.79 7.45 1.21
N PHE A 458 2.79 7.18 0.37
CA PHE A 458 2.81 6.10 -0.60
C PHE A 458 4.09 6.17 -1.46
N ASN A 459 4.34 7.34 -2.07
CA ASN A 459 5.54 7.55 -2.88
C ASN A 459 6.85 7.28 -2.14
N GLU A 460 6.98 7.86 -0.94
CA GLU A 460 8.18 7.72 -0.11
C GLU A 460 8.48 6.26 0.18
N ARG A 461 7.43 5.50 0.48
CA ARG A 461 7.61 4.12 0.89
C ARG A 461 7.87 3.19 -0.31
N ILE A 462 7.33 3.50 -1.47
CA ILE A 462 7.66 2.77 -2.68
C ILE A 462 9.11 3.07 -3.09
N LEU A 463 9.48 4.34 -3.08
CA LEU A 463 10.87 4.72 -3.32
C LEU A 463 11.83 3.93 -2.42
N LYS A 464 11.51 3.89 -1.13
CA LYS A 464 12.29 3.15 -0.14
C LYS A 464 12.37 1.64 -0.47
N GLU A 465 11.22 1.04 -0.79
CA GLU A 465 11.18 -0.36 -1.21
C GLU A 465 12.06 -0.64 -2.44
N GLU A 466 11.98 0.18 -3.47
CA GLU A 466 12.83 0.02 -4.64
C GLU A 466 14.32 0.08 -4.27
N GLN A 467 14.69 1.07 -3.46
CA GLN A 467 16.08 1.20 -3.05
C GLN A 467 16.57 -0.02 -2.28
N GLU A 468 15.75 -0.53 -1.37
CA GLU A 468 16.13 -1.70 -0.60
C GLU A 468 16.11 -2.98 -1.42
N LEU A 469 15.22 -3.03 -2.41
CA LEU A 469 15.21 -4.15 -3.33
C LEU A 469 16.56 -4.18 -4.06
N TYR A 470 16.96 -3.04 -4.62
CA TYR A 470 18.24 -2.95 -5.34
C TYR A 470 19.45 -3.33 -4.49
N GLN A 471 19.50 -2.85 -3.24
CA GLN A 471 20.57 -3.22 -2.32
C GLN A 471 20.56 -4.71 -2.04
N LYS A 472 19.37 -5.25 -1.77
CA LYS A 472 19.23 -6.67 -1.50
C LYS A 472 19.70 -7.53 -2.68
N GLU A 473 19.77 -6.95 -3.87
CA GLU A 473 20.06 -7.75 -5.07
C GLU A 473 21.49 -7.53 -5.54
N GLY A 474 22.21 -6.67 -4.83
CA GLY A 474 23.62 -6.48 -5.06
C GLY A 474 23.92 -5.42 -6.08
N LEU A 475 22.92 -4.62 -6.41
CA LEU A 475 23.17 -3.54 -7.35
C LEU A 475 23.72 -2.35 -6.58
N ASN A 478 22.32 3.06 -5.78
CA ASN A 478 21.32 3.60 -6.71
C ASN A 478 20.20 4.43 -6.06
N GLU A 479 20.13 5.72 -6.36
CA GLU A 479 19.05 6.55 -5.83
C GLU A 479 18.01 6.85 -6.92
N VAL A 480 16.76 6.46 -6.66
CA VAL A 480 15.69 6.64 -7.64
C VAL A 480 15.35 8.13 -7.80
N HIS A 481 15.33 8.58 -9.05
CA HIS A 481 14.98 9.96 -9.35
C HIS A 481 13.50 10.21 -9.13
N TYR A 482 13.18 11.10 -8.19
CA TYR A 482 11.78 11.45 -7.95
C TYR A 482 11.60 12.82 -7.29
N VAL A 483 10.79 13.67 -7.92
CA VAL A 483 10.42 14.94 -7.32
C VAL A 483 9.07 14.74 -6.61
N ASP A 484 9.00 14.97 -5.30
CA ASP A 484 7.70 14.76 -4.66
C ASP A 484 6.76 15.96 -4.67
N ASN A 485 5.55 15.74 -4.17
CA ASN A 485 4.50 16.73 -4.16
C ASN A 485 4.51 17.54 -2.87
N GLN A 486 5.70 17.72 -2.29
CA GLN A 486 5.79 18.49 -1.06
C GLN A 486 5.23 19.88 -1.32
N ASP A 487 5.40 20.37 -2.53
CA ASP A 487 4.98 21.72 -2.87
C ASP A 487 3.46 21.88 -2.89
N CYS A 488 2.73 20.82 -3.24
CA CYS A 488 1.27 20.89 -3.25
C CYS A 488 0.78 20.85 -1.82
N ILE A 489 1.47 20.08 -0.99
CA ILE A 489 1.16 20.04 0.45
C ILE A 489 1.41 21.40 1.12
N ASP A 490 2.52 22.05 0.76
CA ASP A 490 2.89 23.35 1.35
C ASP A 490 1.96 24.48 0.91
N LEU A 491 1.49 24.42 -0.32
CA LEU A 491 0.46 25.34 -0.79
C LEU A 491 -0.72 25.30 0.18
N ILE A 492 -1.06 24.11 0.66
CA ILE A 492 -2.21 23.93 1.54
C ILE A 492 -1.93 24.30 3.00
N GLU A 493 -0.82 23.82 3.55
CA GLU A 493 -0.63 23.85 4.99
C GLU A 493 0.54 24.70 5.49
N ALA A 494 1.27 25.33 4.58
CA ALA A 494 2.42 26.14 5.00
C ALA A 494 1.96 27.19 5.99
N ARG A 495 2.81 27.47 6.97
CA ARG A 495 2.54 28.44 8.01
C ARG A 495 2.37 29.83 7.40
N LEU A 496 1.36 30.55 7.86
CA LEU A 496 1.14 31.93 7.44
C LEU A 496 0.63 32.09 6.00
N VAL A 497 1.26 31.42 5.04
CA VAL A 497 0.92 31.63 3.63
C VAL A 497 0.17 30.46 3.00
N GLY A 498 0.08 29.34 3.71
CA GLY A 498 -0.70 28.20 3.23
C GLY A 498 -2.18 28.53 3.17
N ILE A 499 -2.91 27.82 2.31
CA ILE A 499 -4.32 28.12 2.12
C ILE A 499 -5.11 28.04 3.44
N LEU A 500 -4.83 27.05 4.26
CA LEU A 500 -5.51 26.88 5.55
C LEU A 500 -5.29 28.09 6.47
N ASP A 501 -4.06 28.62 6.47
CA ASP A 501 -3.75 29.73 7.37
C ASP A 501 -4.32 31.04 6.83
N ILE A 502 -4.35 31.18 5.52
CA ILE A 502 -5.01 32.32 4.91
C ILE A 502 -6.51 32.28 5.15
N LEU A 503 -7.08 31.07 5.25
CA LEU A 503 -8.50 30.93 5.53
C LEU A 503 -8.76 31.32 6.99
N ASP A 504 -7.93 30.86 7.92
CA ASP A 504 -8.06 31.26 9.33
C ASP A 504 -8.05 32.79 9.46
N GLU A 505 -7.07 33.39 8.79
CA GLU A 505 -6.89 34.83 8.78
C GLU A 505 -8.20 35.53 8.40
N GLU A 506 -8.91 34.99 7.41
CA GLU A 506 -10.15 35.60 6.94
C GLU A 506 -11.22 35.54 8.01
N ASN A 507 -11.34 34.39 8.65
CA ASN A 507 -12.28 34.22 9.77
C ASN A 507 -12.03 35.24 10.87
N ARG A 508 -10.78 35.66 11.03
CA ARG A 508 -10.42 36.59 12.10
C ARG A 508 -10.65 38.05 11.73
N LEU A 509 -11.09 38.32 10.50
CA LEU A 509 -11.31 39.69 10.02
C LEU A 509 -12.69 40.22 10.34
N PRO A 510 -12.82 41.56 10.51
CA PRO A 510 -14.11 42.14 10.92
C PRO A 510 -15.30 41.64 10.10
N GLN A 511 -15.19 41.63 8.79
CA GLN A 511 -16.27 41.07 7.99
C GLN A 511 -15.77 40.01 7.03
N PRO A 512 -15.57 38.77 7.52
CA PRO A 512 -14.94 37.74 6.68
C PRO A 512 -15.60 37.62 5.31
N SER A 513 -14.79 37.43 4.27
CA SER A 513 -15.31 37.31 2.91
C SER A 513 -14.61 36.18 2.14
N ASP A 514 -15.40 35.32 1.51
CA ASP A 514 -14.90 34.25 0.69
C ASP A 514 -14.09 34.81 -0.47
N GLN A 515 -14.60 35.88 -1.08
CA GLN A 515 -13.91 36.53 -2.17
C GLN A 515 -12.57 37.15 -1.74
N HIS A 516 -12.57 37.91 -0.65
CA HIS A 516 -11.31 38.41 -0.13
C HIS A 516 -10.33 37.26 0.18
N PHE A 517 -10.85 36.15 0.73
CA PHE A 517 -10.02 34.97 1.02
C PHE A 517 -9.40 34.39 -0.27
N THR A 518 -10.25 34.17 -1.27
CA THR A 518 -9.80 33.56 -2.52
C THR A 518 -8.70 34.39 -3.19
N SER A 519 -8.89 35.71 -3.24
CA SER A 519 -7.89 36.60 -3.84
C SER A 519 -6.62 36.60 -3.04
N ALA A 520 -6.74 36.46 -1.72
CA ALA A 520 -5.54 36.42 -0.91
C ALA A 520 -4.72 35.20 -1.31
N VAL A 521 -5.41 34.09 -1.56
CA VAL A 521 -4.75 32.85 -1.98
C VAL A 521 -4.00 33.04 -3.29
N HIS A 522 -4.62 33.65 -4.29
CA HIS A 522 -3.96 33.86 -5.58
C HIS A 522 -2.78 34.83 -5.48
N GLN A 523 -2.96 35.91 -4.73
CA GLN A 523 -1.96 36.95 -4.65
C GLN A 523 -0.72 36.47 -3.91
N LYS A 524 -0.91 35.51 -2.99
CA LYS A 524 0.24 35.00 -2.24
C LYS A 524 0.96 33.80 -2.87
N HIS A 525 0.40 33.25 -3.94
CA HIS A 525 1.04 32.11 -4.61
C HIS A 525 1.13 32.40 -6.09
N LYS A 526 1.54 33.63 -6.35
CA LYS A 526 1.69 34.21 -7.67
C LYS A 526 2.00 33.22 -8.78
N ASP A 527 3.24 32.78 -8.85
CA ASP A 527 3.56 31.88 -9.97
C ASP A 527 3.80 30.45 -9.50
N HIS A 528 2.80 29.92 -8.81
CA HIS A 528 2.89 28.60 -8.21
C HIS A 528 2.54 27.50 -9.20
N PHE A 529 3.44 26.54 -9.31
CA PHE A 529 3.23 25.36 -10.12
C PHE A 529 1.83 24.76 -9.85
N ARG A 530 1.41 24.76 -8.58
CA ARG A 530 0.25 23.96 -8.19
C ARG A 530 -1.11 24.68 -8.15
N LEU A 531 -1.10 26.01 -8.17
CA LEU A 531 -2.33 26.80 -8.09
C LEU A 531 -2.60 27.57 -9.37
N SER A 532 -3.85 27.56 -9.82
CA SER A 532 -4.29 28.48 -10.88
C SER A 532 -5.73 28.98 -10.68
N ILE A 533 -6.10 30.01 -11.44
CA ILE A 533 -7.45 30.54 -11.40
C ILE A 533 -8.33 29.61 -12.21
N PRO A 534 -9.62 29.53 -11.86
CA PRO A 534 -10.57 28.65 -12.55
C PRO A 534 -10.64 28.91 -14.05
N ARG A 535 -10.32 30.13 -14.48
CA ARG A 535 -10.41 30.51 -15.89
C ARG A 535 -9.51 29.64 -16.77
N LYS A 536 -8.48 29.06 -16.18
CA LYS A 536 -7.52 28.23 -16.91
C LYS A 536 -7.83 26.73 -16.85
N SER A 537 -9.05 26.40 -16.44
CA SER A 537 -9.48 25.01 -16.31
C SER A 537 -9.48 24.30 -17.68
N LYS A 538 -9.22 23.00 -17.66
CA LYS A 538 -9.31 22.17 -18.85
C LYS A 538 -10.77 21.79 -19.12
N LEU A 539 -11.68 22.46 -18.42
CA LEU A 539 -13.12 22.18 -18.54
C LEU A 539 -13.94 23.46 -18.70
N ALA A 540 -14.87 23.46 -19.66
CA ALA A 540 -15.64 24.66 -19.98
C ALA A 540 -16.60 25.05 -18.85
N ILE A 541 -16.95 24.08 -18.02
CA ILE A 541 -17.88 24.30 -16.91
C ILE A 541 -17.28 25.18 -15.82
N HIS A 542 -15.95 25.22 -15.76
CA HIS A 542 -15.26 25.95 -14.69
C HIS A 542 -14.81 27.35 -15.12
N ARG A 543 -14.70 27.57 -16.42
CA ARG A 543 -14.14 28.81 -16.94
C ARG A 543 -15.02 30.07 -16.78
N ASN A 544 -16.23 29.89 -16.24
CA ASN A 544 -17.12 31.01 -15.95
C ASN A 544 -16.98 31.51 -14.52
N ILE A 545 -16.29 30.72 -13.70
CA ILE A 545 -16.04 31.06 -12.32
C ILE A 545 -15.03 32.18 -12.26
N ARG A 546 -15.31 33.18 -11.46
CA ARG A 546 -14.43 34.33 -11.39
C ARG A 546 -13.17 34.02 -10.59
N ASP A 547 -12.14 34.80 -10.83
CA ASP A 547 -10.88 34.64 -10.13
C ASP A 547 -11.06 34.59 -8.61
N ASP A 548 -12.01 35.35 -8.08
CA ASP A 548 -12.18 35.40 -6.63
C ASP A 548 -13.27 34.44 -6.15
N GLU A 549 -13.75 33.58 -7.06
CA GLU A 549 -14.77 32.58 -6.73
C GLU A 549 -14.24 31.16 -6.65
N GLY A 550 -12.96 30.97 -7.01
CA GLY A 550 -12.38 29.65 -6.97
C GLY A 550 -10.90 29.56 -7.22
N PHE A 551 -10.38 28.35 -7.07
CA PHE A 551 -9.00 28.06 -7.44
C PHE A 551 -8.81 26.60 -7.82
N ILE A 552 -7.83 26.36 -8.66
CA ILE A 552 -7.49 25.02 -9.10
C ILE A 552 -6.24 24.58 -8.37
N ILE A 553 -6.30 23.40 -7.76
CA ILE A 553 -5.13 22.76 -7.20
C ILE A 553 -4.74 21.58 -8.09
N ARG A 554 -3.47 21.55 -8.49
CA ARG A 554 -2.94 20.42 -9.24
C ARG A 554 -2.53 19.32 -8.26
N HIS A 555 -3.47 18.42 -7.97
CA HIS A 555 -3.27 17.36 -7.01
C HIS A 555 -2.52 16.20 -7.72
N PHE A 556 -1.98 15.26 -6.94
CA PHE A 556 -1.25 14.10 -7.47
C PHE A 556 -2.07 13.37 -8.54
N ALA A 557 -3.39 13.33 -8.34
CA ALA A 557 -4.30 12.59 -9.21
C ALA A 557 -4.81 13.44 -10.40
N GLY A 558 -4.51 14.74 -10.40
CA GLY A 558 -5.05 15.64 -11.41
C GLY A 558 -5.58 16.96 -10.84
N ALA A 559 -5.79 17.93 -11.73
CA ALA A 559 -6.25 19.25 -11.32
C ALA A 559 -7.66 19.16 -10.79
N VAL A 560 -7.90 19.79 -9.65
CA VAL A 560 -9.28 19.94 -9.13
C VAL A 560 -9.64 21.42 -8.98
N CYS A 561 -10.78 21.81 -9.53
CA CYS A 561 -11.30 23.18 -9.39
C CYS A 561 -12.27 23.28 -8.21
N TYR A 562 -11.88 24.07 -7.21
CA TYR A 562 -12.72 24.29 -6.03
C TYR A 562 -13.43 25.63 -6.14
N GLU A 563 -14.75 25.60 -5.96
CA GLU A 563 -15.53 26.81 -5.78
C GLU A 563 -15.38 27.16 -4.32
N THR A 564 -15.06 28.42 -4.03
CA THR A 564 -14.74 28.79 -2.65
C THR A 564 -15.87 29.46 -1.85
N THR A 565 -17.08 29.57 -2.38
CA THR A 565 -18.19 30.13 -1.57
C THR A 565 -18.39 29.20 -0.36
N GLN A 566 -18.51 29.79 0.84
CA GLN A 566 -18.76 29.01 2.05
C GLN A 566 -17.50 28.41 2.70
N PHE A 567 -16.34 28.57 2.06
CA PHE A 567 -15.09 28.08 2.64
C PHE A 567 -14.92 28.74 4.00
N VAL A 568 -15.24 30.01 4.09
CA VAL A 568 -15.01 30.73 5.35
C VAL A 568 -15.97 30.23 6.42
N GLU A 569 -17.25 30.10 6.07
CA GLU A 569 -18.23 29.54 7.02
C GLU A 569 -17.85 28.09 7.41
N LYS A 570 -17.49 27.25 6.44
CA LYS A 570 -17.16 25.85 6.73
C LYS A 570 -15.86 25.66 7.53
N ASN A 571 -15.02 26.70 7.57
CA ASN A 571 -13.79 26.69 8.37
C ASN A 571 -13.99 26.97 9.86
N ASN A 572 -15.21 27.33 10.24
CA ASN A 572 -15.50 27.78 11.60
C ASN A 572 -16.55 26.87 12.23
N ASP A 573 -16.21 26.18 13.30
CA ASP A 573 -17.21 25.38 13.99
C ASP A 573 -16.97 25.43 15.47
N ALA A 574 -16.36 26.53 15.90
CA ALA A 574 -15.91 26.65 17.28
C ALA A 574 -17.06 26.80 18.25
N LEU A 575 -16.92 26.15 19.39
CA LEU A 575 -17.87 26.22 20.48
C LEU A 575 -17.32 27.15 21.56
N HIS A 576 -18.05 28.21 21.89
CA HIS A 576 -17.57 29.11 22.94
C HIS A 576 -17.57 28.42 24.32
N MET A 577 -16.70 28.90 25.21
CA MET A 577 -16.45 28.25 26.51
C MET A 577 -17.68 28.07 27.42
N SER A 578 -18.58 29.04 27.42
CA SER A 578 -19.73 28.98 28.34
C SER A 578 -20.70 27.87 27.94
N LEU A 579 -21.01 27.79 26.65
CA LEU A 579 -21.80 26.69 26.11
C LEU A 579 -21.08 25.36 26.34
N GLU A 580 -19.76 25.38 26.20
CA GLU A 580 -18.90 24.23 26.46
C GLU A 580 -19.01 23.75 27.91
N SER A 581 -18.80 24.67 28.85
CA SER A 581 -19.00 24.38 30.27
C SER A 581 -20.37 23.75 30.51
N LEU A 582 -21.40 24.32 29.90
CA LEU A 582 -22.75 23.83 30.12
C LEU A 582 -22.85 22.33 29.89
N ILE A 583 -22.43 21.87 28.71
CA ILE A 583 -22.60 20.47 28.37
C ILE A 583 -21.74 19.58 29.27
N CYS A 584 -20.54 20.06 29.60
CA CYS A 584 -19.64 19.33 30.49
C CYS A 584 -20.27 19.07 31.86
N GLU A 585 -21.19 19.92 32.26
CA GLU A 585 -21.78 19.84 33.58
C GLU A 585 -23.23 19.36 33.50
N SER A 586 -23.46 18.40 32.61
CA SER A 586 -24.80 17.87 32.40
C SER A 586 -25.26 17.06 33.61
N ARG A 587 -26.55 17.12 33.92
CA ARG A 587 -27.11 16.25 34.96
C ARG A 587 -27.01 14.76 34.57
N ASP A 588 -27.05 14.48 33.28
CA ASP A 588 -26.98 13.10 32.78
C ASP A 588 -25.53 12.62 32.89
N LYS A 589 -25.30 11.64 33.76
CA LYS A 589 -23.95 11.16 34.06
C LYS A 589 -23.23 10.63 32.82
N PHE A 590 -23.99 10.13 31.86
CA PHE A 590 -23.43 9.53 30.67
C PHE A 590 -22.73 10.62 29.85
N ILE A 591 -23.41 11.76 29.76
CA ILE A 591 -22.92 12.90 28.99
C ILE A 591 -21.71 13.53 29.65
N ARG A 592 -21.75 13.66 30.97
CA ARG A 592 -20.59 14.18 31.68
C ARG A 592 -19.38 13.33 31.34
N GLU A 593 -19.60 12.02 31.15
CA GLU A 593 -18.50 11.10 30.86
C GLU A 593 -18.04 11.14 29.39
N LEU A 594 -18.91 11.58 28.48
CA LEU A 594 -18.46 11.82 27.11
C LEU A 594 -17.37 12.89 27.10
N PHE A 595 -17.41 13.77 28.09
CA PHE A 595 -16.44 14.86 28.22
C PHE A 595 -15.56 14.66 29.46
N SER A 613 -13.49 29.74 14.75
CA SER A 613 -12.22 29.55 14.07
C SER A 613 -11.07 30.43 14.61
N PHE A 614 -10.97 30.53 15.93
CA PHE A 614 -9.67 30.76 16.53
C PHE A 614 -8.92 29.45 16.27
N ILE A 615 -9.52 28.32 16.68
CA ILE A 615 -9.09 27.01 16.18
C ILE A 615 -10.08 26.53 15.11
N SER A 616 -9.66 26.63 13.86
CA SER A 616 -10.52 26.39 12.71
C SER A 616 -10.72 24.90 12.40
N VAL A 617 -11.70 24.60 11.55
CA VAL A 617 -11.93 23.27 11.10
C VAL A 617 -10.69 22.79 10.33
N GLY A 618 -10.19 23.65 9.45
CA GLY A 618 -9.04 23.33 8.63
C GLY A 618 -7.84 22.95 9.47
N ASN A 619 -7.61 23.72 10.51
CA ASN A 619 -6.47 23.49 11.38
C ASN A 619 -6.61 22.21 12.22
N LYS A 620 -7.82 21.91 12.67
CA LYS A 620 -8.04 20.68 13.43
C LYS A 620 -7.91 19.48 12.52
N PHE A 621 -8.32 19.65 11.26
CA PHE A 621 -8.21 18.62 10.27
C PHE A 621 -6.74 18.28 10.06
N LYS A 622 -5.93 19.31 9.89
CA LYS A 622 -4.49 19.15 9.73
C LYS A 622 -3.87 18.43 10.94
N THR A 623 -4.22 18.91 12.13
CA THR A 623 -3.72 18.30 13.36
C THR A 623 -4.03 16.79 13.41
N GLN A 624 -5.27 16.43 13.10
CA GLN A 624 -5.73 15.06 13.14
C GLN A 624 -5.09 14.23 12.02
N LEU A 625 -5.01 14.81 10.82
CA LEU A 625 -4.36 14.14 9.71
C LEU A 625 -2.92 13.83 10.09
N ASN A 626 -2.27 14.77 10.77
CA ASN A 626 -0.90 14.56 11.21
C ASN A 626 -0.73 13.47 12.27
N LEU A 627 -1.75 13.26 13.10
CA LEU A 627 -1.67 12.18 14.08
C LEU A 627 -1.75 10.84 13.38
N LEU A 628 -2.64 10.74 12.40
CA LEU A 628 -2.76 9.52 11.63
C LEU A 628 -1.43 9.26 10.92
N LEU A 629 -0.87 10.29 10.29
CA LEU A 629 0.41 10.16 9.60
C LEU A 629 1.56 9.79 10.54
N ASP A 630 1.51 10.30 11.77
CA ASP A 630 2.49 9.93 12.76
C ASP A 630 2.42 8.41 12.97
N LYS A 631 1.22 7.88 13.14
CA LYS A 631 1.07 6.45 13.34
C LYS A 631 1.60 5.63 12.15
N LEU A 632 1.21 6.01 10.93
CA LEU A 632 1.66 5.30 9.74
C LEU A 632 3.17 5.33 9.61
N ARG A 633 3.76 6.50 9.82
CA ARG A 633 5.20 6.67 9.68
C ARG A 633 6.00 5.83 10.68
N SER A 634 5.33 5.32 11.72
CA SER A 634 6.02 4.52 12.73
C SER A 634 6.03 3.04 12.35
N THR A 635 5.31 2.70 11.29
CA THR A 635 5.21 1.33 10.83
C THR A 635 5.95 1.09 9.50
N GLY A 636 6.04 -0.18 9.13
CA GLY A 636 6.48 -0.56 7.80
C GLY A 636 5.19 -0.64 7.02
N ALA A 637 5.21 -0.27 5.75
CA ALA A 637 3.96 -0.13 5.04
C ALA A 637 3.83 -1.02 3.81
N SER A 638 2.59 -1.43 3.54
CA SER A 638 2.24 -2.15 2.33
C SER A 638 0.94 -1.60 1.79
N PHE A 639 0.72 -1.77 0.50
CA PHE A 639 -0.43 -1.13 -0.13
C PHE A 639 -1.27 -2.10 -0.95
N ILE A 640 -2.58 -1.94 -0.85
CA ILE A 640 -3.52 -2.68 -1.68
C ILE A 640 -4.36 -1.66 -2.36
N ARG A 641 -4.60 -1.85 -3.66
CA ARG A 641 -5.44 -0.92 -4.40
C ARG A 641 -6.64 -1.68 -4.97
N CYS A 642 -7.82 -1.41 -4.43
CA CYS A 642 -9.02 -2.06 -4.92
C CYS A 642 -9.62 -1.34 -6.11
N ILE A 643 -10.25 -2.11 -7.00
CA ILE A 643 -10.75 -1.57 -8.25
C ILE A 643 -12.18 -2.05 -8.46
N LYS A 644 -13.06 -1.10 -8.76
CA LYS A 644 -14.44 -1.40 -9.14
C LYS A 644 -14.50 -1.59 -10.66
N PRO A 645 -14.79 -2.81 -11.12
CA PRO A 645 -14.71 -3.13 -12.55
C PRO A 645 -15.78 -2.41 -13.38
N ASN A 646 -16.86 -2.04 -12.72
CA ASN A 646 -17.95 -1.29 -13.36
C ASN A 646 -19.05 -0.91 -12.36
N LEU A 647 -20.06 -0.20 -12.85
CA LEU A 647 -21.11 0.33 -11.99
C LEU A 647 -22.10 -0.75 -11.55
N LYS A 648 -22.54 -1.57 -12.51
CA LYS A 648 -23.71 -2.42 -12.33
C LYS A 648 -23.52 -3.65 -11.44
N MET A 649 -22.38 -3.75 -10.75
CA MET A 649 -22.13 -4.87 -9.85
C MET A 649 -22.07 -6.21 -10.59
N THR A 650 -21.80 -6.15 -11.88
CA THR A 650 -21.87 -7.34 -12.72
C THR A 650 -20.49 -7.98 -12.97
N SER A 651 -20.47 -9.31 -13.03
CA SER A 651 -19.23 -10.04 -13.30
C SER A 651 -18.78 -9.94 -14.75
N HIS A 652 -17.48 -10.13 -14.97
CA HIS A 652 -16.90 -10.16 -16.31
C HIS A 652 -17.23 -8.96 -17.22
N HIS A 653 -17.25 -7.77 -16.62
CA HIS A 653 -17.30 -6.54 -17.39
C HIS A 653 -16.18 -5.61 -16.97
N PHE A 654 -15.39 -5.17 -17.95
CA PHE A 654 -14.18 -4.44 -17.69
C PHE A 654 -14.23 -3.07 -18.34
N GLU A 655 -14.72 -2.08 -17.59
CA GLU A 655 -14.82 -0.73 -18.10
C GLU A 655 -13.44 -0.07 -18.08
N GLY A 656 -12.75 -0.17 -19.21
CA GLY A 656 -11.40 0.33 -19.33
C GLY A 656 -11.21 1.72 -18.75
N ALA A 657 -11.81 2.70 -19.42
CA ALA A 657 -11.66 4.10 -19.05
C ALA A 657 -12.04 4.39 -17.59
N GLN A 658 -12.91 3.54 -17.04
CA GLN A 658 -13.40 3.71 -15.68
C GLN A 658 -12.45 3.11 -14.65
N ILE A 659 -11.79 2.03 -15.02
CA ILE A 659 -10.77 1.46 -14.16
C ILE A 659 -9.51 2.32 -14.22
N LEU A 660 -9.23 2.89 -15.40
CA LEU A 660 -8.10 3.77 -15.59
C LEU A 660 -8.20 4.99 -14.67
N SER A 661 -9.38 5.60 -14.64
CA SER A 661 -9.61 6.74 -13.75
C SER A 661 -9.31 6.39 -12.30
N GLN A 662 -9.73 5.20 -11.89
CA GLN A 662 -9.43 4.71 -10.54
C GLN A 662 -7.95 4.49 -10.29
N LEU A 663 -7.22 4.07 -11.32
CA LEU A 663 -5.80 3.79 -11.16
C LEU A 663 -5.13 5.11 -10.83
N GLN A 664 -5.65 6.15 -11.45
CA GLN A 664 -5.09 7.47 -11.36
C GLN A 664 -5.44 8.07 -10.01
N CYS A 665 -6.69 7.88 -9.59
CA CYS A 665 -7.13 8.46 -8.32
C CYS A 665 -6.49 7.80 -7.13
N SER A 666 -6.06 6.56 -7.31
CA SER A 666 -5.41 5.79 -6.26
C SER A 666 -3.93 6.11 -6.18
N GLY A 667 -3.43 6.88 -7.13
CA GLY A 667 -2.02 7.24 -7.16
C GLY A 667 -1.10 6.22 -7.80
N MET A 668 -1.69 5.22 -8.46
CA MET A 668 -0.91 4.18 -9.10
C MET A 668 -0.14 4.78 -10.25
N VAL A 669 -0.79 5.61 -11.04
CA VAL A 669 -0.12 6.30 -12.12
C VAL A 669 1.08 7.10 -11.58
N SER A 670 0.86 7.74 -10.44
CA SER A 670 1.91 8.52 -9.81
C SER A 670 3.10 7.63 -9.43
N VAL A 671 2.79 6.43 -8.96
CA VAL A 671 3.80 5.47 -8.51
C VAL A 671 4.60 4.84 -9.66
N LEU A 672 3.94 4.54 -10.78
CA LEU A 672 4.65 4.06 -11.97
C LEU A 672 5.62 5.11 -12.48
N ASP A 673 5.23 6.38 -12.45
CA ASP A 673 6.11 7.43 -12.93
C ASP A 673 7.36 7.44 -12.06
N LEU A 674 7.12 7.28 -10.76
CA LEU A 674 8.21 7.23 -9.79
C LEU A 674 9.14 6.06 -10.10
N MET A 675 8.57 4.93 -10.47
CA MET A 675 9.36 3.75 -10.74
C MET A 675 10.20 3.85 -12.01
N GLN A 676 9.86 4.79 -12.88
CA GLN A 676 10.67 5.01 -14.07
C GLN A 676 12.03 5.59 -13.69
N GLY A 677 12.17 6.06 -12.45
CA GLY A 677 13.43 6.64 -12.02
C GLY A 677 14.47 5.59 -11.65
N GLY A 678 14.04 4.33 -11.53
CA GLY A 678 14.94 3.26 -11.15
C GLY A 678 15.03 2.18 -12.21
N PHE A 679 14.74 0.94 -11.82
CA PHE A 679 14.79 -0.21 -12.73
C PHE A 679 13.42 -0.86 -12.76
N PRO A 680 12.52 -0.33 -13.60
CA PRO A 680 11.10 -0.70 -13.54
C PRO A 680 10.81 -2.11 -14.04
N SER A 681 11.69 -2.67 -14.87
CA SER A 681 11.54 -4.04 -15.37
C SER A 681 12.60 -4.95 -14.76
N ARG A 682 12.22 -6.17 -14.39
CA ARG A 682 13.14 -7.11 -13.77
C ARG A 682 12.60 -8.49 -14.12
N ALA A 683 13.50 -9.43 -14.44
CA ALA A 683 13.10 -10.78 -14.81
C ALA A 683 14.07 -11.83 -14.26
N SER A 684 13.54 -12.89 -13.68
CA SER A 684 14.38 -13.99 -13.18
C SER A 684 15.24 -14.57 -14.30
N PHE A 685 16.37 -15.17 -13.95
CA PHE A 685 17.27 -15.74 -14.95
C PHE A 685 16.58 -16.85 -15.69
N HIS A 686 15.82 -17.68 -14.97
CA HIS A 686 15.16 -18.82 -15.56
C HIS A 686 14.17 -18.33 -16.62
N GLU A 687 13.53 -17.22 -16.32
CA GLU A 687 12.51 -16.70 -17.23
C GLU A 687 13.16 -16.20 -18.50
N LEU A 688 14.32 -15.55 -18.38
CA LEU A 688 15.03 -15.06 -19.56
C LEU A 688 15.68 -16.22 -20.32
N TYR A 689 16.04 -17.27 -19.60
CA TYR A 689 16.62 -18.45 -20.24
C TYR A 689 15.55 -18.97 -21.19
N ASN A 690 14.36 -19.16 -20.64
CA ASN A 690 13.23 -19.68 -21.40
C ASN A 690 12.88 -18.86 -22.63
N MET A 691 12.91 -17.53 -22.50
CA MET A 691 12.48 -16.66 -23.58
C MET A 691 13.48 -16.66 -24.73
N TYR A 692 14.77 -16.65 -24.41
CA TYR A 692 15.77 -16.27 -25.42
C TYR A 692 16.75 -17.35 -25.87
N LYS A 693 16.75 -18.51 -25.22
CA LYS A 693 17.76 -19.53 -25.54
C LYS A 693 17.69 -19.95 -26.99
N LYS A 694 16.47 -19.92 -27.54
CA LYS A 694 16.24 -20.30 -28.93
C LYS A 694 16.98 -19.43 -29.94
N TYR A 695 17.34 -18.21 -29.54
CA TYR A 695 18.06 -17.31 -30.46
C TYR A 695 19.56 -17.53 -30.43
N MET A 696 20.03 -18.34 -29.49
CA MET A 696 21.48 -18.53 -29.31
C MET A 696 21.93 -19.95 -29.63
N PRO A 697 23.21 -20.10 -29.99
CA PRO A 697 23.74 -21.43 -30.27
C PRO A 697 23.42 -22.40 -29.14
N ASP A 698 23.39 -23.70 -29.44
CA ASP A 698 23.08 -24.74 -28.46
C ASP A 698 24.09 -24.77 -27.31
N LYS A 699 25.31 -24.33 -27.58
CA LYS A 699 26.32 -24.18 -26.54
C LYS A 699 25.81 -23.40 -25.32
N LEU A 700 25.28 -22.19 -25.54
CA LEU A 700 24.70 -21.40 -24.44
C LEU A 700 23.51 -22.12 -23.80
N ALA A 701 22.67 -22.72 -24.62
CA ALA A 701 21.48 -23.39 -24.07
C ALA A 701 21.79 -24.52 -23.08
N ARG A 702 23.02 -25.04 -23.10
CA ARG A 702 23.44 -26.06 -22.11
C ARG A 702 23.72 -25.47 -20.71
N LEU A 703 24.04 -24.18 -20.66
CA LEU A 703 24.37 -23.53 -19.40
C LEU A 703 23.15 -23.49 -18.49
N ASP A 704 23.35 -23.31 -17.19
CA ASP A 704 22.25 -23.02 -16.27
C ASP A 704 21.74 -21.59 -16.49
N PRO A 705 20.50 -21.28 -16.04
CA PRO A 705 19.90 -19.97 -16.35
C PRO A 705 20.76 -18.77 -15.94
N ARG A 706 21.25 -18.73 -14.70
CA ARG A 706 22.12 -17.64 -14.31
C ARG A 706 23.35 -17.47 -15.23
N LEU A 707 24.08 -18.56 -15.49
CA LEU A 707 25.30 -18.45 -16.32
C LEU A 707 24.98 -18.15 -17.79
N PHE A 708 23.86 -18.68 -18.26
CA PHE A 708 23.34 -18.34 -19.58
C PHE A 708 23.15 -16.81 -19.72
N CYS A 709 22.45 -16.19 -18.77
CA CYS A 709 22.28 -14.73 -18.79
C CYS A 709 23.58 -13.93 -18.65
N LYS A 710 24.44 -14.40 -17.76
CA LYS A 710 25.79 -13.87 -17.65
C LYS A 710 26.47 -13.87 -19.03
N ALA A 711 26.46 -15.02 -19.68
CA ALA A 711 27.15 -15.18 -20.97
C ALA A 711 26.55 -14.25 -22.01
N LEU A 712 25.24 -14.22 -22.06
CA LEU A 712 24.51 -13.42 -23.02
C LEU A 712 24.97 -11.97 -22.96
N PHE A 713 24.97 -11.41 -21.75
CA PHE A 713 25.25 -10.01 -21.56
C PHE A 713 26.72 -9.67 -21.78
N LYS A 714 27.59 -10.60 -21.43
CA LYS A 714 29.01 -10.45 -21.71
C LYS A 714 29.22 -10.42 -23.22
N ALA A 715 28.53 -11.29 -23.94
CA ALA A 715 28.75 -11.40 -25.37
C ALA A 715 28.14 -10.21 -26.11
N LEU A 716 27.05 -9.66 -25.60
CA LEU A 716 26.47 -8.48 -26.26
C LEU A 716 27.20 -7.20 -25.90
N GLY A 717 28.04 -7.25 -24.86
CA GLY A 717 28.73 -6.06 -24.39
C GLY A 717 27.77 -5.06 -23.79
N LEU A 718 26.78 -5.55 -23.06
CA LEU A 718 25.78 -4.67 -22.48
C LEU A 718 26.38 -3.93 -21.29
N ASN A 719 26.33 -2.59 -21.33
CA ASN A 719 26.97 -1.78 -20.30
C ASN A 719 26.30 -2.11 -18.97
N GLU A 720 26.99 -1.88 -17.87
CA GLU A 720 26.44 -2.25 -16.58
C GLU A 720 25.70 -1.10 -15.88
N ILE A 721 25.53 0.00 -16.59
CA ILE A 721 24.69 1.08 -16.14
C ILE A 721 23.21 0.81 -16.42
N ASP A 722 22.90 0.37 -17.64
CA ASP A 722 21.50 0.18 -18.04
C ASP A 722 20.92 -1.21 -17.73
N TYR A 723 21.81 -2.18 -17.51
CA TYR A 723 21.41 -3.56 -17.27
C TYR A 723 22.13 -3.99 -16.02
N LYS A 724 21.40 -4.57 -15.08
CA LYS A 724 21.93 -4.87 -13.77
C LYS A 724 21.66 -6.31 -13.45
N PHE A 725 22.72 -7.03 -13.08
CA PHE A 725 22.65 -8.44 -12.79
C PHE A 725 22.53 -8.60 -11.28
N GLY A 726 21.36 -8.98 -10.81
CA GLY A 726 21.15 -9.14 -9.38
C GLY A 726 21.43 -10.55 -8.94
N LEU A 727 21.09 -10.83 -7.69
CA LEU A 727 21.17 -12.16 -7.13
C LEU A 727 20.14 -13.08 -7.78
N THR A 728 18.93 -12.59 -8.02
CA THR A 728 17.86 -13.44 -8.54
C THR A 728 17.29 -12.99 -9.88
N LYS A 729 17.57 -11.76 -10.27
CA LYS A 729 16.98 -11.23 -11.48
C LYS A 729 17.93 -10.33 -12.21
N VAL A 730 17.66 -10.11 -13.50
CA VAL A 730 18.28 -9.03 -14.23
C VAL A 730 17.32 -7.85 -14.16
N PHE A 731 17.86 -6.67 -13.84
CA PHE A 731 17.11 -5.42 -13.72
C PHE A 731 17.42 -4.47 -14.88
N PHE A 732 16.38 -3.87 -15.45
CA PHE A 732 16.51 -3.04 -16.65
C PHE A 732 16.03 -1.61 -16.41
N ARG A 733 16.80 -0.63 -16.86
CA ARG A 733 16.30 0.75 -16.90
C ARG A 733 15.17 0.88 -17.94
N PRO A 734 14.41 1.99 -17.90
CA PRO A 734 13.25 2.11 -18.80
C PRO A 734 13.70 2.00 -20.24
N GLY A 735 12.93 1.31 -21.07
CA GLY A 735 13.29 1.11 -22.46
C GLY A 735 14.23 -0.09 -22.71
N LYS A 736 14.97 -0.50 -21.70
CA LYS A 736 16.12 -1.40 -21.90
C LYS A 736 15.80 -2.88 -22.06
N PHE A 737 14.74 -3.34 -21.41
CA PHE A 737 14.26 -4.69 -21.63
C PHE A 737 13.88 -4.80 -23.11
N ALA A 738 13.15 -3.80 -23.61
CA ALA A 738 12.76 -3.78 -25.01
C ALA A 738 13.94 -3.74 -25.98
N GLU A 739 14.98 -2.99 -25.64
CA GLU A 739 16.18 -2.90 -26.43
C GLU A 739 16.86 -4.26 -26.48
N PHE A 740 17.02 -4.87 -25.30
CA PHE A 740 17.60 -6.18 -25.17
C PHE A 740 16.84 -7.21 -26.01
N ASP A 741 15.52 -7.08 -26.06
CA ASP A 741 14.70 -7.99 -26.85
C ASP A 741 14.99 -7.85 -28.36
N GLN A 742 15.11 -6.61 -28.82
CA GLN A 742 15.47 -6.32 -30.22
C GLN A 742 16.82 -6.91 -30.62
N ILE A 743 17.84 -6.63 -29.82
CA ILE A 743 19.16 -7.22 -30.01
C ILE A 743 19.05 -8.74 -30.17
N MET A 744 18.24 -9.34 -29.31
CA MET A 744 18.12 -10.79 -29.26
C MET A 744 17.50 -11.32 -30.53
N LYS A 745 16.72 -10.47 -31.20
CA LYS A 745 15.95 -10.91 -32.36
C LYS A 745 16.65 -10.51 -33.66
N SER A 746 17.84 -9.92 -33.54
CA SER A 746 18.58 -9.48 -34.71
C SER A 746 19.39 -10.63 -35.35
N ASP A 747 20.25 -10.26 -36.31
CA ASP A 747 20.94 -11.22 -37.19
C ASP A 747 21.62 -12.37 -36.44
N PRO A 748 21.00 -13.56 -36.46
CA PRO A 748 21.53 -14.74 -35.77
C PRO A 748 23.01 -15.03 -36.01
N ASP A 749 23.56 -14.66 -37.17
CA ASP A 749 24.96 -15.01 -37.47
C ASP A 749 25.94 -14.12 -36.71
N HIS A 750 25.75 -12.81 -36.82
CA HIS A 750 26.59 -11.85 -36.10
C HIS A 750 26.54 -12.18 -34.61
N LEU A 751 25.38 -12.66 -34.22
CA LEU A 751 25.08 -13.07 -32.87
C LEU A 751 25.95 -14.26 -32.42
N ALA A 752 25.98 -15.30 -33.25
CA ALA A 752 26.78 -16.47 -32.92
C ALA A 752 28.27 -16.09 -32.86
N GLU A 753 28.66 -15.12 -33.69
CA GLU A 753 30.02 -14.63 -33.67
C GLU A 753 30.42 -14.04 -32.32
N LEU A 754 29.61 -13.09 -31.84
CA LEU A 754 29.85 -12.46 -30.54
C LEU A 754 30.09 -13.46 -29.42
N VAL A 755 29.29 -14.53 -29.41
CA VAL A 755 29.49 -15.61 -28.47
C VAL A 755 30.94 -16.20 -28.52
N LYS A 756 31.48 -16.36 -29.73
CA LYS A 756 32.83 -16.92 -29.88
C LYS A 756 33.85 -16.15 -29.06
N ARG A 757 33.70 -14.82 -29.07
CA ARG A 757 34.66 -13.91 -28.43
C ARG A 757 34.67 -14.14 -26.93
N VAL A 758 33.64 -14.84 -26.44
CA VAL A 758 33.39 -14.97 -25.02
C VAL A 758 33.86 -16.34 -24.52
N ASN A 759 34.44 -17.14 -25.42
CA ASN A 759 34.71 -18.54 -25.11
C ASN A 759 35.69 -18.81 -23.98
N HIS A 760 36.78 -18.05 -23.97
CA HIS A 760 37.73 -18.11 -22.86
C HIS A 760 37.04 -17.74 -21.53
N TRP A 761 36.41 -16.55 -21.50
CA TRP A 761 35.63 -16.11 -20.34
C TRP A 761 34.64 -17.18 -19.86
N LEU A 762 33.95 -17.83 -20.78
CA LEU A 762 32.95 -18.80 -20.40
C LEU A 762 33.58 -20.02 -19.69
N ILE A 763 34.71 -20.48 -20.23
CA ILE A 763 35.44 -21.60 -19.66
C ILE A 763 35.99 -21.26 -18.28
N CYS A 764 36.57 -20.07 -18.15
CA CYS A 764 37.09 -19.63 -16.87
C CYS A 764 35.94 -19.46 -15.86
N SER A 765 34.74 -19.11 -16.34
CA SER A 765 33.57 -18.97 -15.47
C SER A 765 33.12 -20.34 -14.99
N ARG A 766 33.10 -21.32 -15.90
CA ARG A 766 32.79 -22.69 -15.54
C ARG A 766 33.75 -23.25 -14.49
N TRP A 767 35.04 -23.06 -14.67
CA TRP A 767 36.02 -23.50 -13.67
C TRP A 767 35.75 -22.85 -12.32
N LYS A 768 35.65 -21.53 -12.32
CA LYS A 768 35.65 -20.79 -11.07
C LYS A 768 34.42 -21.16 -10.23
N LYS A 769 33.30 -21.38 -10.90
CA LYS A 769 32.05 -21.82 -10.31
C LYS A 769 32.24 -23.07 -9.46
N VAL A 770 32.81 -24.13 -10.06
CA VAL A 770 33.02 -25.38 -9.32
C VAL A 770 34.19 -25.29 -8.35
N GLN A 771 35.20 -24.51 -8.71
CA GLN A 771 36.36 -24.36 -7.84
C GLN A 771 35.98 -23.66 -6.54
N TRP A 772 35.21 -22.58 -6.66
CA TRP A 772 34.82 -21.82 -5.49
C TRP A 772 33.72 -22.55 -4.72
N CYS A 773 32.94 -23.36 -5.43
CA CYS A 773 31.97 -24.22 -4.77
C CYS A 773 32.66 -25.30 -3.93
N SER A 774 33.69 -25.92 -4.49
CA SER A 774 34.51 -26.85 -3.71
C SER A 774 35.09 -26.13 -2.48
N LEU A 775 35.61 -24.92 -2.66
CA LEU A 775 36.15 -24.15 -1.54
C LEU A 775 35.07 -23.83 -0.48
N SER A 776 33.85 -23.55 -0.92
CA SER A 776 32.72 -23.32 -0.01
C SER A 776 32.45 -24.54 0.85
N VAL A 777 32.35 -25.68 0.20
CA VAL A 777 32.12 -26.93 0.89
C VAL A 777 33.20 -27.19 1.94
N ILE A 778 34.46 -26.91 1.58
CA ILE A 778 35.57 -27.08 2.51
C ILE A 778 35.50 -26.11 3.69
N LYS A 779 35.01 -24.90 3.45
CA LYS A 779 34.85 -23.93 4.53
C LYS A 779 33.67 -24.33 5.42
N LEU A 780 32.62 -24.86 4.81
CA LEU A 780 31.49 -25.33 5.61
C LEU A 780 31.89 -26.51 6.49
N LYS A 781 32.68 -27.43 5.94
CA LYS A 781 33.22 -28.53 6.73
C LYS A 781 34.10 -28.01 7.88
N ASN A 782 34.93 -27.02 7.60
CA ASN A 782 35.79 -26.46 8.63
C ASN A 782 35.00 -25.69 9.69
N LYS A 783 33.82 -25.21 9.30
CA LYS A 783 32.95 -24.45 10.19
C LYS A 783 32.24 -25.35 11.19
N ILE A 784 31.72 -26.47 10.71
CA ILE A 784 31.12 -27.46 11.58
C ILE A 784 32.11 -27.94 12.67
N LYS A 785 33.36 -28.13 12.27
CA LYS A 785 34.39 -28.62 13.18
C LYS A 785 34.83 -27.51 14.13
N TYR A 786 34.82 -26.28 13.62
CA TYR A 786 34.98 -25.09 14.43
C TYR A 786 33.95 -25.05 15.56
N ARG A 787 32.67 -25.19 15.19
CA ARG A 787 31.59 -25.06 16.15
C ARG A 787 31.57 -26.19 17.18
N ALA A 788 32.19 -27.31 16.82
CA ALA A 788 32.30 -28.44 17.72
C ALA A 788 33.38 -28.18 18.77
N GLU A 789 34.62 -28.58 18.48
CA GLU A 789 35.74 -28.34 19.37
C GLU A 789 36.24 -26.92 19.18
N GLN B 4 34.76 -8.67 5.35
CA GLN B 4 36.08 -9.27 5.56
C GLN B 4 36.65 -9.95 4.31
N LEU B 5 35.95 -9.81 3.18
CA LEU B 5 36.41 -10.42 1.93
C LEU B 5 36.70 -9.36 0.87
N THR B 6 37.51 -9.71 -0.12
CA THR B 6 37.75 -8.81 -1.25
C THR B 6 36.50 -8.77 -2.11
N GLU B 7 36.42 -7.74 -2.95
CA GLU B 7 35.34 -7.62 -3.91
C GLU B 7 35.39 -8.83 -4.87
N GLU B 8 36.58 -9.32 -5.12
CA GLU B 8 36.77 -10.41 -6.07
C GLU B 8 36.38 -11.78 -5.47
N GLN B 9 36.67 -11.97 -4.20
CA GLN B 9 36.25 -13.18 -3.48
C GLN B 9 34.73 -13.25 -3.32
N ILE B 10 34.10 -12.11 -3.12
CA ILE B 10 32.65 -12.08 -2.95
C ILE B 10 32.00 -12.44 -4.27
N ALA B 11 32.55 -11.89 -5.35
CA ALA B 11 32.03 -12.17 -6.68
C ALA B 11 32.13 -13.66 -6.99
N GLU B 12 33.28 -14.26 -6.67
CA GLU B 12 33.49 -15.66 -7.02
C GLU B 12 32.56 -16.57 -6.21
N PHE B 13 32.42 -16.30 -4.91
CA PHE B 13 31.49 -17.03 -4.06
C PHE B 13 30.04 -16.84 -4.48
N LYS B 14 29.73 -15.68 -5.04
CA LYS B 14 28.38 -15.42 -5.52
C LYS B 14 27.97 -16.41 -6.61
N GLU B 15 28.87 -16.69 -7.54
CA GLU B 15 28.55 -17.66 -8.60
C GLU B 15 28.50 -19.06 -8.01
N ALA B 16 29.36 -19.34 -7.04
CA ALA B 16 29.33 -20.66 -6.39
C ALA B 16 28.00 -20.87 -5.69
N PHE B 17 27.39 -19.80 -5.16
CA PHE B 17 26.12 -19.92 -4.44
C PHE B 17 25.01 -20.44 -5.35
N SER B 18 25.10 -20.14 -6.63
CA SER B 18 24.13 -20.61 -7.62
C SER B 18 24.13 -22.14 -7.80
N LEU B 19 25.23 -22.79 -7.44
CA LEU B 19 25.24 -24.25 -7.42
C LEU B 19 24.47 -24.83 -6.23
N PHE B 20 24.42 -24.11 -5.12
CA PHE B 20 23.55 -24.51 -4.02
C PHE B 20 22.08 -24.13 -4.31
N ASP B 21 21.89 -22.91 -4.81
CA ASP B 21 20.56 -22.36 -5.07
C ASP B 21 20.08 -22.61 -6.49
N LYS B 22 19.81 -23.86 -6.82
CA LYS B 22 19.54 -24.24 -8.21
C LYS B 22 18.37 -23.48 -8.86
N ASP B 23 17.27 -23.31 -8.12
CA ASP B 23 16.10 -22.65 -8.68
C ASP B 23 16.14 -21.11 -8.63
N GLY B 24 17.25 -20.56 -8.14
CA GLY B 24 17.46 -19.13 -8.18
C GLY B 24 16.42 -18.30 -7.45
N ASP B 25 15.97 -18.77 -6.29
CA ASP B 25 15.08 -17.93 -5.52
C ASP B 25 15.87 -17.10 -4.50
N GLY B 26 17.18 -17.32 -4.46
CA GLY B 26 18.06 -16.50 -3.63
C GLY B 26 18.28 -17.04 -2.23
N THR B 27 17.70 -18.20 -1.96
CA THR B 27 17.75 -18.78 -0.62
C THR B 27 18.09 -20.27 -0.63
N ILE B 28 18.77 -20.69 0.42
CA ILE B 28 19.20 -22.07 0.55
C ILE B 28 18.68 -22.67 1.85
N THR B 29 18.25 -23.93 1.81
CA THR B 29 17.92 -24.64 3.03
C THR B 29 18.99 -25.67 3.40
N THR B 30 18.73 -26.34 4.52
CA THR B 30 19.53 -27.46 5.00
C THR B 30 19.67 -28.56 3.95
N LYS B 31 18.65 -28.71 3.12
CA LYS B 31 18.62 -29.75 2.12
C LYS B 31 19.72 -29.52 1.06
N GLU B 32 19.76 -28.32 0.48
CA GLU B 32 20.75 -27.97 -0.53
C GLU B 32 22.16 -27.89 0.04
N LEU B 33 22.28 -27.33 1.24
CA LEU B 33 23.57 -27.34 1.91
C LEU B 33 24.12 -28.77 1.98
N GLY B 34 23.31 -29.67 2.52
CA GLY B 34 23.69 -31.06 2.67
C GLY B 34 23.98 -31.74 1.35
N THR B 35 23.11 -31.52 0.37
CA THR B 35 23.27 -32.19 -0.92
C THR B 35 24.61 -31.85 -1.60
N VAL B 36 24.97 -30.57 -1.60
CA VAL B 36 26.18 -30.13 -2.26
C VAL B 36 27.43 -30.59 -1.52
N MET B 37 27.41 -30.57 -0.19
CA MET B 37 28.56 -30.99 0.59
C MET B 37 28.85 -32.49 0.36
N ARG B 38 27.81 -33.31 0.37
CA ARG B 38 27.98 -34.74 0.22
C ARG B 38 28.46 -35.05 -1.18
N SER B 39 28.04 -34.24 -2.16
CA SER B 39 28.38 -34.55 -3.54
C SER B 39 29.88 -34.32 -3.74
N LEU B 40 30.49 -33.56 -2.84
CA LEU B 40 31.92 -33.30 -2.92
C LEU B 40 32.66 -34.04 -1.84
N GLY B 41 32.01 -35.05 -1.27
CA GLY B 41 32.69 -36.04 -0.44
C GLY B 41 32.65 -35.76 1.05
N GLN B 42 31.81 -34.82 1.49
CA GLN B 42 31.64 -34.56 2.92
C GLN B 42 30.46 -35.34 3.48
N ASN B 43 30.37 -35.41 4.80
CA ASN B 43 29.31 -36.20 5.42
C ASN B 43 28.71 -35.49 6.65
N PRO B 44 28.17 -34.27 6.47
CA PRO B 44 27.63 -33.61 7.66
C PRO B 44 26.35 -34.28 8.13
N THR B 45 26.21 -34.31 9.44
CA THR B 45 24.96 -34.65 10.08
C THR B 45 23.87 -33.57 9.86
N GLU B 46 22.60 -33.98 9.83
CA GLU B 46 21.51 -33.00 9.80
C GLU B 46 21.61 -31.97 10.91
N ALA B 47 21.97 -32.41 12.11
CA ALA B 47 22.09 -31.51 13.25
C ALA B 47 23.25 -30.53 13.07
N GLU B 48 24.34 -31.01 12.47
CA GLU B 48 25.47 -30.13 12.21
C GLU B 48 25.08 -29.00 11.24
N LEU B 49 24.28 -29.34 10.23
CA LEU B 49 23.82 -28.36 9.27
C LEU B 49 22.84 -27.37 9.91
N GLN B 50 21.85 -27.88 10.65
CA GLN B 50 20.89 -27.04 11.35
C GLN B 50 21.59 -26.09 12.30
N ASP B 51 22.45 -26.63 13.16
CA ASP B 51 23.13 -25.78 14.13
C ASP B 51 23.87 -24.65 13.43
N MET B 52 24.42 -24.95 12.25
CA MET B 52 25.19 -23.98 11.49
C MET B 52 24.29 -22.91 10.87
N ILE B 53 23.13 -23.36 10.38
CA ILE B 53 22.17 -22.47 9.76
C ILE B 53 21.49 -21.55 10.79
N ASN B 54 20.99 -22.15 11.89
CA ASN B 54 20.36 -21.38 12.95
C ASN B 54 21.26 -20.21 13.41
N GLU B 55 22.55 -20.45 13.44
CA GLU B 55 23.52 -19.45 13.89
C GLU B 55 23.58 -18.18 13.03
N VAL B 56 23.02 -18.23 11.82
CA VAL B 56 23.06 -17.06 10.93
C VAL B 56 21.69 -16.72 10.33
N ASP B 57 20.71 -17.60 10.52
CA ASP B 57 19.38 -17.41 9.97
C ASP B 57 18.58 -16.36 10.77
N ALA B 58 18.52 -15.14 10.25
CA ALA B 58 17.82 -14.05 10.93
C ALA B 58 16.31 -14.28 10.96
N ASP B 59 15.75 -14.66 9.83
CA ASP B 59 14.31 -14.93 9.76
C ASP B 59 13.94 -16.05 10.74
N GLY B 60 14.70 -17.14 10.69
CA GLY B 60 14.41 -18.30 11.50
C GLY B 60 13.42 -19.20 10.79
N ASN B 61 13.32 -19.06 9.47
CA ASN B 61 12.52 -19.97 8.66
C ASN B 61 13.36 -21.13 8.13
N GLY B 62 14.65 -21.10 8.41
CA GLY B 62 15.54 -22.18 8.00
C GLY B 62 16.02 -22.03 6.57
N THR B 63 15.90 -20.80 6.05
CA THR B 63 16.31 -20.50 4.68
C THR B 63 17.24 -19.30 4.74
N ILE B 64 18.50 -19.51 4.37
CA ILE B 64 19.50 -18.45 4.41
C ILE B 64 19.85 -17.89 3.03
N ASP B 65 20.20 -16.61 2.98
CA ASP B 65 20.48 -15.94 1.71
C ASP B 65 21.98 -15.79 1.50
N PHE B 66 22.37 -15.09 0.44
CA PHE B 66 23.79 -15.05 0.07
C PHE B 66 24.70 -14.46 1.13
N PRO B 67 24.38 -13.26 1.65
CA PRO B 67 25.22 -12.65 2.69
C PRO B 67 25.30 -13.52 3.96
N GLU B 68 24.20 -14.18 4.31
CA GLU B 68 24.21 -15.14 5.42
C GLU B 68 25.10 -16.37 5.10
N PHE B 69 25.03 -16.82 3.85
CA PHE B 69 25.93 -17.87 3.36
C PHE B 69 27.39 -17.50 3.60
N LEU B 70 27.76 -16.26 3.25
CA LEU B 70 29.13 -15.79 3.46
C LEU B 70 29.53 -15.81 4.93
N THR B 71 28.65 -15.34 5.79
CA THR B 71 28.91 -15.32 7.22
C THR B 71 29.10 -16.74 7.78
N MET B 72 28.20 -17.64 7.38
CA MET B 72 28.29 -19.03 7.76
C MET B 72 29.65 -19.63 7.45
N MET B 73 30.28 -19.20 6.36
CA MET B 73 31.60 -19.71 5.97
C MET B 73 32.75 -19.06 6.74
N ALA B 74 32.47 -17.94 7.40
CA ALA B 74 33.53 -17.18 8.06
C ALA B 74 33.91 -17.74 9.43
N ARG B 75 35.20 -17.71 9.74
CA ARG B 75 35.68 -18.09 11.05
C ARG B 75 37.07 -17.51 11.26
N LYS B 76 37.50 -17.44 12.52
CA LYS B 76 38.85 -16.99 12.84
C LYS B 76 39.85 -17.99 12.27
N MET B 77 40.69 -17.53 11.35
CA MET B 77 41.55 -18.45 10.62
C MET B 77 43.04 -18.27 10.89
N LYS B 78 43.74 -19.40 10.93
CA LYS B 78 45.18 -19.41 11.10
C LYS B 78 45.87 -18.96 9.80
N ASP B 79 47.14 -18.59 9.93
CA ASP B 79 47.94 -18.19 8.78
C ASP B 79 48.04 -19.34 7.79
N THR B 80 47.78 -19.05 6.52
CA THR B 80 47.74 -20.07 5.48
C THR B 80 46.96 -21.33 5.92
N ASP B 81 45.81 -21.12 6.54
CA ASP B 81 44.81 -22.17 6.65
C ASP B 81 44.07 -22.14 5.34
N SER B 82 43.78 -20.92 4.88
CA SER B 82 43.18 -20.71 3.59
C SER B 82 43.97 -21.48 2.52
N GLU B 83 45.29 -21.44 2.62
CA GLU B 83 46.12 -22.14 1.65
C GLU B 83 45.94 -23.65 1.68
N GLU B 84 45.76 -24.20 2.89
CA GLU B 84 45.48 -25.63 3.02
C GLU B 84 44.05 -25.92 2.51
N GLU B 85 43.16 -24.94 2.65
CA GLU B 85 41.80 -25.07 2.10
C GLU B 85 41.85 -25.21 0.59
N ILE B 86 42.67 -24.39 -0.05
CA ILE B 86 42.81 -24.42 -1.50
C ILE B 86 43.43 -25.74 -1.94
N ARG B 87 44.37 -26.26 -1.15
CA ARG B 87 44.97 -27.55 -1.46
C ARG B 87 43.95 -28.67 -1.32
N GLU B 88 43.07 -28.54 -0.33
CA GLU B 88 41.99 -29.50 -0.15
C GLU B 88 40.99 -29.42 -1.30
N ALA B 89 40.63 -28.21 -1.73
CA ALA B 89 39.75 -28.04 -2.89
C ALA B 89 40.38 -28.75 -4.09
N PHE B 90 41.66 -28.57 -4.30
CA PHE B 90 42.35 -29.25 -5.39
C PHE B 90 42.25 -30.77 -5.31
N ARG B 91 42.35 -31.32 -4.10
CA ARG B 91 42.31 -32.78 -3.94
C ARG B 91 40.93 -33.35 -4.23
N VAL B 92 39.91 -32.51 -4.16
CA VAL B 92 38.54 -32.89 -4.54
C VAL B 92 38.49 -33.21 -6.03
N PHE B 93 39.25 -32.47 -6.82
CA PHE B 93 39.31 -32.70 -8.26
C PHE B 93 40.30 -33.85 -8.56
N ASP B 94 41.50 -33.76 -8.01
CA ASP B 94 42.55 -34.77 -8.19
C ASP B 94 42.24 -36.01 -7.35
N LYS B 95 41.28 -36.80 -7.81
CA LYS B 95 40.75 -37.95 -7.08
C LYS B 95 41.78 -39.07 -6.83
N ASP B 96 42.70 -39.29 -7.77
CA ASP B 96 43.67 -40.37 -7.60
C ASP B 96 44.94 -39.86 -6.93
N GLY B 97 44.95 -38.58 -6.58
CA GLY B 97 45.99 -38.02 -5.76
C GLY B 97 47.38 -37.99 -6.35
N ASN B 98 47.48 -37.96 -7.68
CA ASN B 98 48.80 -37.88 -8.34
C ASN B 98 49.26 -36.46 -8.67
N GLY B 99 48.44 -35.45 -8.35
CA GLY B 99 48.86 -34.07 -8.51
C GLY B 99 48.44 -33.34 -9.78
N PHE B 100 47.68 -34.01 -10.62
CA PHE B 100 47.25 -33.45 -11.89
C PHE B 100 45.77 -33.77 -12.03
N ILE B 101 44.97 -32.85 -12.56
CA ILE B 101 43.57 -33.16 -12.80
C ILE B 101 43.41 -33.54 -14.26
N SER B 102 42.84 -34.72 -14.49
CA SER B 102 42.57 -35.19 -15.84
C SER B 102 41.14 -34.84 -16.27
N ALA B 103 40.85 -35.04 -17.55
CA ALA B 103 39.52 -34.86 -18.10
C ALA B 103 38.50 -35.67 -17.32
N ALA B 104 38.79 -36.96 -17.20
CA ALA B 104 37.94 -37.90 -16.48
C ALA B 104 37.59 -37.40 -15.07
N GLU B 105 38.58 -36.80 -14.42
CA GLU B 105 38.42 -36.33 -13.05
C GLU B 105 37.60 -35.06 -12.97
N LEU B 106 37.84 -34.15 -13.90
CA LEU B 106 37.04 -32.94 -13.97
C LEU B 106 35.60 -33.33 -14.21
N ARG B 107 35.38 -34.18 -15.21
CA ARG B 107 34.04 -34.73 -15.51
C ARG B 107 33.31 -35.24 -14.26
N HIS B 108 34.00 -36.00 -13.42
CA HIS B 108 33.43 -36.53 -12.18
C HIS B 108 32.90 -35.39 -11.28
N VAL B 109 33.72 -34.38 -11.06
CA VAL B 109 33.30 -33.25 -10.25
C VAL B 109 32.11 -32.53 -10.92
N MET B 110 32.25 -32.20 -12.20
CA MET B 110 31.19 -31.51 -12.93
C MET B 110 29.91 -32.30 -12.78
N THR B 111 30.02 -33.62 -12.82
CA THR B 111 28.87 -34.50 -12.72
C THR B 111 28.28 -34.51 -11.31
N ASN B 112 29.12 -34.69 -10.29
CA ASN B 112 28.67 -34.59 -8.92
C ASN B 112 27.90 -33.30 -8.60
N LEU B 113 28.27 -32.19 -9.24
CA LEU B 113 27.69 -30.89 -8.94
C LEU B 113 26.49 -30.55 -9.81
N GLY B 114 26.17 -31.46 -10.73
CA GLY B 114 25.01 -31.31 -11.60
C GLY B 114 25.26 -30.46 -12.82
N GLU B 115 26.50 -30.10 -13.09
CA GLU B 115 26.81 -29.35 -14.31
C GLU B 115 26.63 -30.23 -15.57
N LYS B 116 26.04 -29.64 -16.60
CA LYS B 116 25.77 -30.34 -17.86
C LYS B 116 26.67 -29.85 -18.96
N LEU B 117 27.60 -30.69 -19.41
CA LEU B 117 28.48 -30.35 -20.53
C LEU B 117 28.93 -31.57 -21.32
N THR B 118 29.43 -31.35 -22.55
CA THR B 118 29.86 -32.45 -23.42
C THR B 118 31.28 -32.87 -23.11
N ASP B 119 31.62 -34.11 -23.46
CA ASP B 119 32.98 -34.60 -23.24
C ASP B 119 34.00 -33.64 -23.82
N GLU B 120 33.71 -33.06 -24.99
CA GLU B 120 34.66 -32.12 -25.58
C GLU B 120 34.76 -30.84 -24.77
N GLU B 121 33.64 -30.39 -24.21
CA GLU B 121 33.66 -29.19 -23.37
C GLU B 121 34.56 -29.40 -22.15
N VAL B 122 34.50 -30.60 -21.58
CA VAL B 122 35.40 -30.95 -20.49
C VAL B 122 36.84 -30.88 -20.91
N ASP B 123 37.13 -31.42 -22.10
CA ASP B 123 38.46 -31.34 -22.68
C ASP B 123 38.93 -29.91 -22.93
N GLU B 124 38.02 -29.10 -23.46
CA GLU B 124 38.27 -27.67 -23.62
C GLU B 124 38.69 -27.04 -22.29
N MET B 125 37.90 -27.29 -21.25
CA MET B 125 38.21 -26.75 -19.94
C MET B 125 39.64 -27.15 -19.54
N ILE B 126 39.96 -28.45 -19.66
CA ILE B 126 41.34 -28.91 -19.38
C ILE B 126 42.37 -28.11 -20.18
N ARG B 127 42.20 -28.10 -21.49
CA ARG B 127 43.13 -27.36 -22.36
C ARG B 127 43.35 -25.92 -21.90
N GLU B 128 42.28 -25.26 -21.46
CA GLU B 128 42.35 -23.84 -21.13
C GLU B 128 43.20 -23.57 -19.89
N ALA B 129 43.12 -24.43 -18.89
CA ALA B 129 43.89 -24.23 -17.65
C ALA B 129 45.26 -24.90 -17.71
N ASP B 130 45.48 -25.69 -18.75
CA ASP B 130 46.75 -26.42 -18.96
C ASP B 130 47.81 -25.57 -19.66
N ILE B 131 48.40 -24.63 -18.90
CA ILE B 131 49.44 -23.74 -19.39
C ILE B 131 50.65 -24.47 -20.00
N ASP B 132 51.22 -25.43 -19.27
CA ASP B 132 52.44 -26.09 -19.72
C ASP B 132 52.20 -27.23 -20.71
N GLY B 133 50.96 -27.42 -21.13
CA GLY B 133 50.64 -28.35 -22.20
C GLY B 133 50.96 -29.83 -22.03
N ASP B 134 51.03 -30.31 -20.79
CA ASP B 134 51.25 -31.75 -20.58
C ASP B 134 49.92 -32.51 -20.59
N GLY B 135 48.84 -31.77 -20.85
CA GLY B 135 47.52 -32.35 -21.03
C GLY B 135 46.65 -32.49 -19.78
N GLN B 136 47.14 -31.97 -18.65
CA GLN B 136 46.46 -32.13 -17.36
C GLN B 136 46.61 -30.87 -16.55
N VAL B 137 45.83 -30.73 -15.49
CA VAL B 137 45.93 -29.51 -14.68
C VAL B 137 46.59 -29.76 -13.35
N ASN B 138 47.76 -29.18 -13.13
CA ASN B 138 48.39 -29.23 -11.82
C ASN B 138 47.92 -28.14 -10.88
N TYR B 139 48.47 -28.16 -9.67
CA TYR B 139 48.03 -27.26 -8.61
C TYR B 139 48.26 -25.79 -8.95
N GLU B 140 49.44 -25.48 -9.47
CA GLU B 140 49.79 -24.10 -9.83
C GLU B 140 48.78 -23.57 -10.86
N GLU B 141 48.47 -24.40 -11.86
CA GLU B 141 47.56 -23.98 -12.92
C GLU B 141 46.16 -23.83 -12.35
N PHE B 142 45.79 -24.76 -11.48
CA PHE B 142 44.51 -24.75 -10.81
C PHE B 142 44.29 -23.39 -10.13
N VAL B 143 45.21 -22.98 -9.25
CA VAL B 143 45.07 -21.75 -8.51
C VAL B 143 45.07 -20.51 -9.41
N THR B 144 45.85 -20.58 -10.49
CA THR B 144 45.90 -19.51 -11.47
C THR B 144 44.53 -19.33 -12.12
N MET B 145 43.94 -20.44 -12.56
CA MET B 145 42.58 -20.44 -13.11
C MET B 145 41.56 -19.94 -12.08
N MET B 146 41.75 -20.34 -10.84
CA MET B 146 40.78 -20.07 -9.79
C MET B 146 40.69 -18.59 -9.47
N THR B 147 41.84 -17.92 -9.51
CA THR B 147 41.90 -16.50 -9.18
C THR B 147 42.01 -15.62 -10.41
N SER B 148 41.78 -16.21 -11.59
CA SER B 148 41.80 -15.43 -12.82
C SER B 148 40.71 -14.37 -12.77
N LYS B 149 40.97 -13.24 -13.43
CA LYS B 149 40.09 -12.08 -13.41
C LYS B 149 38.85 -12.27 -14.29
C1 GOL C . -3.16 5.87 -0.02
O1 GOL C . -4.40 5.22 0.01
C2 GOL C . -3.23 7.04 -1.02
O2 GOL C . -2.49 6.68 -2.18
C3 GOL C . -4.69 7.33 -1.36
O3 GOL C . -4.80 8.52 -2.10
C1 GOL D . -15.22 18.63 6.25
O1 GOL D . -14.02 19.32 6.47
C2 GOL D . -15.44 17.75 7.48
O2 GOL D . -16.74 17.97 7.88
C3 GOL D . -14.57 18.13 8.68
O3 GOL D . -14.67 17.10 9.65
C1 GOL E . -13.67 11.57 5.43
O1 GOL E . -14.37 12.16 6.50
C2 GOL E . -12.27 11.19 5.91
O2 GOL E . -12.33 10.62 7.19
C3 GOL E . -11.39 12.44 5.96
O3 GOL E . -11.48 13.08 4.71
C1 GOL F . -14.23 10.83 -11.59
O1 GOL F . -14.03 9.61 -12.28
C2 GOL F . -14.61 10.55 -10.14
O2 GOL F . -14.54 9.17 -9.86
C3 GOL F . -13.69 11.34 -9.21
O3 GOL F . -14.18 11.30 -7.89
C1 GOL G . -17.42 14.57 0.88
O1 GOL G . -18.61 14.93 1.55
C2 GOL G . -17.67 13.63 -0.32
O2 GOL G . -17.50 12.25 0.00
C3 GOL G . -19.01 13.90 -0.99
O3 GOL G . -19.58 12.65 -1.34
C1 GOL H . -17.66 7.69 -0.87
O1 GOL H . -16.47 8.32 -0.43
C2 GOL H . -17.42 6.19 -1.09
O2 GOL H . -16.63 5.98 -2.25
C3 GOL H . -16.68 5.59 0.09
O3 GOL H . -16.74 4.19 0.00
C1 GOL I . -11.39 39.96 -11.28
O1 GOL I . -11.88 40.53 -10.08
C2 GOL I . -11.98 38.57 -11.42
O2 GOL I . -12.80 38.32 -10.29
C3 GOL I . -12.76 38.48 -12.73
O3 GOL I . -12.76 37.16 -13.19
S SO4 J . -16.26 -1.19 -0.85
O1 SO4 J . -16.61 -2.54 -1.31
O2 SO4 J . -17.32 -0.27 -1.26
O3 SO4 J . -16.11 -1.21 0.61
O4 SO4 J . -15.01 -0.75 -1.44
CA CA K . 17.25 -23.94 -4.03
CA CA L . 44.66 -37.07 -10.95
CA CA M . 49.44 -28.92 -17.12
#